data_8IX9
#
_entry.id   8IX9
#
_cell.length_a   192.226
_cell.length_b   48.153
_cell.length_c   128.305
_cell.angle_alpha   90.00
_cell.angle_beta   129.70
_cell.angle_gamma   90.00
#
_symmetry.space_group_name_H-M   'C 1 2 1'
#
loop_
_entity.id
_entity.type
_entity.pdbx_description
1 polymer '2-dehydropantoate 2-reductase'
2 non-polymer 'NADPH DIHYDRO-NICOTINAMIDE-ADENINE-DINUCLEOTIDE PHOSPHATE'
3 non-polymer 'FORMIC ACID'
4 non-polymer GLYCEROL
5 water water
#
_entity_poly.entity_id   1
_entity_poly.type   'polypeptide(L)'
_entity_poly.pdbx_seq_one_letter_code
;MDSKQQRIGVIGTGAIGGFYGLMLAHAGHDVHFLLRSEFEAVNRAGLSLNSAVHGFRRLAPVQAYHSAQDMPPCDWLLVG
AKTTGNHELAPLIRAAAAPGAKVLLLQNGLGVEERLRPLLPESLHLLGGLCFICVHRGEPGVIEHQAYGGVNLGYHSGPA
DERRRREIVEEGAALFRESGLESTAMPDLEQARWQKLVWNIPYNGLSVLLKSSTAPLMANADSRSLIEAIMEEVIGAAGA
CGFILPEGYADQLLAATERMPDYRPSMYHDFAHGRPLELAAIYAAPLARAAAAGYRMPRVEALHQALRFLEAQPR
;
_entity_poly.pdbx_strand_id   B,A,C
#
loop_
_chem_comp.id
_chem_comp.type
_chem_comp.name
_chem_comp.formula
FMT non-polymer 'FORMIC ACID' 'C H2 O2'
GOL non-polymer GLYCEROL 'C3 H8 O3'
NDP non-polymer 'NADPH DIHYDRO-NICOTINAMIDE-ADENINE-DINUCLEOTIDE PHOSPHATE' 'C21 H30 N7 O17 P3'
#
# COMPACT_ATOMS: atom_id res chain seq x y z
N GLN A 5 -11.88 0.35 -18.42
CA GLN A 5 -11.50 1.67 -18.90
C GLN A 5 -12.70 2.63 -18.89
N GLN A 6 -12.70 3.55 -17.93
CA GLN A 6 -13.64 4.65 -17.92
C GLN A 6 -13.26 5.69 -18.96
N ARG A 7 -14.26 6.33 -19.54
CA ARG A 7 -14.02 7.48 -20.41
C ARG A 7 -14.12 8.73 -19.56
N ILE A 8 -13.03 9.50 -19.52
CA ILE A 8 -12.91 10.68 -18.66
C ILE A 8 -13.00 11.93 -19.51
N GLY A 9 -13.79 12.89 -19.04
CA GLY A 9 -13.80 14.24 -19.59
C GLY A 9 -13.30 15.22 -18.56
N VAL A 10 -12.44 16.14 -18.99
CA VAL A 10 -11.93 17.22 -18.14
C VAL A 10 -12.60 18.51 -18.60
N ILE A 11 -13.38 19.12 -17.71
CA ILE A 11 -14.11 20.34 -18.02
C ILE A 11 -13.39 21.48 -17.32
N GLY A 12 -12.54 22.18 -18.07
CA GLY A 12 -11.66 23.19 -17.48
C GLY A 12 -10.27 22.63 -17.29
N THR A 13 -9.41 22.81 -18.28
CA THR A 13 -8.09 22.17 -18.31
C THR A 13 -7.00 23.18 -17.95
N GLY A 14 -7.01 23.56 -16.69
CA GLY A 14 -5.97 24.38 -16.10
C GLY A 14 -4.96 23.57 -15.34
N ALA A 15 -4.42 24.17 -14.28
CA ALA A 15 -3.40 23.48 -13.48
C ALA A 15 -3.96 22.19 -12.89
N ILE A 16 -5.14 22.27 -12.27
CA ILE A 16 -5.72 21.09 -11.63
C ILE A 16 -6.24 20.10 -12.66
N GLY A 17 -7.05 20.59 -13.60
CA GLY A 17 -7.60 19.70 -14.63
C GLY A 17 -6.52 19.09 -15.49
N GLY A 18 -5.53 19.89 -15.90
CA GLY A 18 -4.42 19.35 -16.65
C GLY A 18 -3.68 18.26 -15.88
N PHE A 19 -3.36 18.52 -14.62
CA PHE A 19 -2.60 17.54 -13.83
C PHE A 19 -3.36 16.22 -13.73
N TYR A 20 -4.62 16.27 -13.28
CA TYR A 20 -5.31 15.03 -12.98
C TYR A 20 -5.75 14.31 -14.25
N GLY A 21 -6.13 15.04 -15.29
CA GLY A 21 -6.39 14.41 -16.56
C GLY A 21 -5.15 13.76 -17.14
N LEU A 22 -4.02 14.45 -17.07
CA LEU A 22 -2.77 13.87 -17.56
C LEU A 22 -2.39 12.63 -16.77
N MET A 23 -2.44 12.71 -15.44
CA MET A 23 -2.13 11.55 -14.62
C MET A 23 -3.02 10.37 -14.98
N LEU A 24 -4.33 10.60 -15.08
CA LEU A 24 -5.24 9.52 -15.45
C LEU A 24 -4.96 8.99 -16.85
N ALA A 25 -4.68 9.89 -17.80
CA ALA A 25 -4.37 9.46 -19.16
C ALA A 25 -3.09 8.62 -19.18
N HIS A 26 -2.07 9.04 -18.43
CA HIS A 26 -0.83 8.29 -18.34
C HIS A 26 -1.05 6.88 -17.80
N ALA A 27 -2.12 6.66 -17.06
CA ALA A 27 -2.42 5.35 -16.48
C ALA A 27 -3.30 4.48 -17.37
N GLY A 28 -3.54 4.90 -18.61
CA GLY A 28 -4.27 4.09 -19.57
C GLY A 28 -5.72 4.45 -19.77
N HIS A 29 -6.21 5.51 -19.14
CA HIS A 29 -7.60 5.90 -19.30
C HIS A 29 -7.79 6.75 -20.55
N ASP A 30 -9.01 6.71 -21.08
CA ASP A 30 -9.38 7.47 -22.28
C ASP A 30 -9.87 8.84 -21.84
N VAL A 31 -9.01 9.85 -21.95
CA VAL A 31 -9.26 11.16 -21.38
C VAL A 31 -9.48 12.17 -22.48
N HIS A 32 -10.51 12.99 -22.34
CA HIS A 32 -10.89 14.01 -23.31
C HIS A 32 -10.93 15.36 -22.60
N PHE A 33 -10.18 16.33 -23.13
CA PHE A 33 -9.93 17.60 -22.47
C PHE A 33 -10.71 18.71 -23.17
N LEU A 34 -11.52 19.43 -22.40
CA LEU A 34 -12.13 20.67 -22.88
C LEU A 34 -11.25 21.85 -22.46
N LEU A 35 -10.79 22.61 -23.43
CA LEU A 35 -9.94 23.77 -23.19
C LEU A 35 -10.61 25.03 -23.70
N ARG A 36 -10.10 26.18 -23.24
CA ARG A 36 -10.61 27.46 -23.69
C ARG A 36 -9.43 28.25 -24.25
N SER A 37 -8.86 29.18 -23.50
CA SER A 37 -7.87 30.11 -24.06
C SER A 37 -6.64 29.38 -24.59
N GLU A 38 -6.25 28.27 -23.97
CA GLU A 38 -5.04 27.57 -24.36
C GLU A 38 -5.33 26.38 -25.28
N PHE A 39 -6.50 26.34 -25.91
CA PHE A 39 -6.84 25.21 -26.76
C PHE A 39 -5.87 25.08 -27.92
N GLU A 40 -5.48 26.20 -28.54
CA GLU A 40 -4.66 26.14 -29.74
C GLU A 40 -3.30 25.52 -29.46
N ALA A 41 -2.65 25.96 -28.38
CA ALA A 41 -1.31 25.47 -28.08
C ALA A 41 -1.34 24.02 -27.62
N VAL A 42 -2.36 23.63 -26.85
CA VAL A 42 -2.43 22.26 -26.37
C VAL A 42 -2.89 21.31 -27.47
N ASN A 43 -3.86 21.73 -28.28
CA ASN A 43 -4.31 20.87 -29.38
C ASN A 43 -3.16 20.57 -30.33
N ARG A 44 -2.29 21.56 -30.49
CA ARG A 44 -1.10 21.49 -31.39
C ARG A 44 0.09 20.79 -30.73
N ALA A 45 0.61 21.26 -29.61
CA ALA A 45 1.82 20.80 -28.98
C ALA A 45 1.59 19.81 -27.85
N GLY A 46 0.36 19.71 -27.36
CA GLY A 46 0.08 18.74 -26.30
C GLY A 46 0.28 19.31 -24.90
N LEU A 47 0.15 18.41 -23.93
CA LEU A 47 0.25 18.73 -22.51
C LEU A 47 1.51 18.12 -21.93
N SER A 48 2.27 18.92 -21.17
CA SER A 48 3.49 18.44 -20.55
C SER A 48 3.52 18.84 -19.08
N LEU A 49 4.20 18.01 -18.28
CA LEU A 49 4.18 18.12 -16.82
C LEU A 49 5.61 18.08 -16.30
N ASN A 50 6.02 19.15 -15.63
CA ASN A 50 7.20 19.12 -14.78
C ASN A 50 6.74 18.85 -13.35
N SER A 51 7.18 17.73 -12.77
CA SER A 51 6.73 17.35 -11.43
C SER A 51 7.91 16.86 -10.60
N ALA A 52 8.07 17.46 -9.42
CA ALA A 52 9.05 16.97 -8.46
C ALA A 52 8.63 15.66 -7.80
N VAL A 53 7.38 15.23 -7.98
CA VAL A 53 6.93 13.95 -7.46
C VAL A 53 7.05 12.86 -8.52
N HIS A 54 6.49 13.10 -9.71
CA HIS A 54 6.37 12.09 -10.74
C HIS A 54 7.36 12.27 -11.88
N GLY A 55 8.24 13.26 -11.82
CA GLY A 55 9.09 13.52 -12.95
C GLY A 55 8.31 14.09 -14.13
N PHE A 56 9.01 14.23 -15.25
CA PHE A 56 8.43 14.82 -16.44
C PHE A 56 7.46 13.84 -17.11
N ARG A 57 6.30 14.36 -17.51
CA ARG A 57 5.31 13.60 -18.26
C ARG A 57 4.81 14.46 -19.41
N ARG A 58 4.49 13.80 -20.53
CA ARG A 58 3.96 14.50 -21.69
C ARG A 58 2.88 13.68 -22.36
N LEU A 59 1.79 14.34 -22.72
CA LEU A 59 0.67 13.72 -23.43
C LEU A 59 0.54 14.42 -24.78
N ALA A 60 0.85 13.69 -25.85
CA ALA A 60 0.84 14.22 -27.20
C ALA A 60 0.68 13.09 -28.20
N PRO A 61 -0.36 13.13 -29.05
CA PRO A 61 -1.35 14.20 -29.06
C PRO A 61 -2.38 14.09 -27.95
N VAL A 62 -3.05 15.20 -27.68
CA VAL A 62 -4.11 15.28 -26.68
C VAL A 62 -5.44 15.20 -27.40
N GLN A 63 -6.41 14.55 -26.76
CA GLN A 63 -7.79 14.58 -27.24
C GLN A 63 -8.41 15.88 -26.73
N ALA A 64 -8.27 16.93 -27.55
CA ALA A 64 -8.57 18.29 -27.14
C ALA A 64 -9.85 18.79 -27.83
N TYR A 65 -10.62 19.58 -27.09
CA TYR A 65 -11.87 20.13 -27.58
C TYR A 65 -12.01 21.56 -27.11
N HIS A 66 -12.53 22.42 -27.98
CA HIS A 66 -12.86 23.79 -27.63
C HIS A 66 -14.34 23.98 -27.31
N SER A 67 -15.16 22.97 -27.53
CA SER A 67 -16.59 23.03 -27.29
C SER A 67 -17.04 21.71 -26.69
N ALA A 68 -17.77 21.80 -25.58
CA ALA A 68 -18.23 20.58 -24.91
C ALA A 68 -19.14 19.75 -25.80
N GLN A 69 -19.89 20.39 -26.70
CA GLN A 69 -20.80 19.66 -27.57
C GLN A 69 -20.05 18.70 -28.50
N ASP A 70 -18.78 18.98 -28.78
CA ASP A 70 -17.97 18.09 -29.59
C ASP A 70 -17.49 16.86 -28.83
N MET A 71 -17.54 16.89 -27.51
CA MET A 71 -17.00 15.79 -26.74
C MET A 71 -17.92 14.58 -26.78
N PRO A 72 -17.35 13.38 -26.76
CA PRO A 72 -18.17 12.17 -26.67
C PRO A 72 -18.71 12.00 -25.25
N PRO A 73 -19.72 11.16 -25.06
CA PRO A 73 -20.28 10.97 -23.71
C PRO A 73 -19.26 10.36 -22.77
N CYS A 74 -19.04 11.02 -21.63
CA CYS A 74 -18.03 10.61 -20.67
C CYS A 74 -18.66 10.03 -19.42
N ASP A 75 -17.98 9.03 -18.85
CA ASP A 75 -18.49 8.37 -17.65
C ASP A 75 -18.11 9.12 -16.37
N TRP A 76 -16.94 9.77 -16.37
CA TRP A 76 -16.49 10.61 -15.27
C TRP A 76 -16.10 11.95 -15.83
N LEU A 77 -16.63 13.02 -15.25
CA LEU A 77 -16.29 14.38 -15.65
C LEU A 77 -15.54 15.04 -14.49
N LEU A 78 -14.30 15.42 -14.75
CA LEU A 78 -13.48 16.11 -13.76
C LEU A 78 -13.56 17.60 -14.07
N VAL A 79 -14.12 18.37 -13.14
CA VAL A 79 -14.32 19.79 -13.30
C VAL A 79 -13.13 20.50 -12.66
N GLY A 80 -12.26 21.07 -13.51
CA GLY A 80 -11.11 21.81 -13.05
C GLY A 80 -11.19 23.30 -13.25
N ALA A 81 -12.36 23.84 -13.59
CA ALA A 81 -12.51 25.28 -13.63
C ALA A 81 -12.49 25.84 -12.23
N LYS A 82 -12.22 27.14 -12.13
CA LYS A 82 -12.42 27.81 -10.86
C LYS A 82 -13.92 27.89 -10.56
N THR A 83 -14.26 28.03 -9.27
CA THR A 83 -15.65 28.03 -8.88
C THR A 83 -16.41 29.25 -9.38
N THR A 84 -15.69 30.32 -9.74
CA THR A 84 -16.34 31.55 -10.18
C THR A 84 -17.22 31.32 -11.40
N GLY A 85 -16.88 30.36 -12.25
CA GLY A 85 -17.61 30.12 -13.48
C GLY A 85 -18.60 28.98 -13.45
N ASN A 86 -18.95 28.46 -12.28
CA ASN A 86 -19.67 27.19 -12.22
C ASN A 86 -21.07 27.29 -12.84
N HIS A 87 -21.76 28.42 -12.66
CA HIS A 87 -23.08 28.57 -13.28
C HIS A 87 -22.99 28.41 -14.79
N GLU A 88 -22.06 29.13 -15.41
CA GLU A 88 -21.86 29.01 -16.85
C GLU A 88 -21.28 27.66 -17.24
N LEU A 89 -20.73 26.91 -16.29
CA LEU A 89 -20.12 25.63 -16.61
C LEU A 89 -21.15 24.52 -16.74
N ALA A 90 -22.29 24.64 -16.05
CA ALA A 90 -23.25 23.55 -15.99
C ALA A 90 -23.71 23.07 -17.36
N PRO A 91 -24.07 23.92 -18.33
CA PRO A 91 -24.47 23.38 -19.64
C PRO A 91 -23.36 22.58 -20.30
N LEU A 92 -22.10 22.91 -20.02
CA LEU A 92 -21.00 22.15 -20.60
C LEU A 92 -20.89 20.77 -19.96
N ILE A 93 -21.06 20.69 -18.65
CA ILE A 93 -21.06 19.40 -17.97
C ILE A 93 -22.18 18.51 -18.49
N ARG A 94 -23.39 19.08 -18.58
CA ARG A 94 -24.54 18.31 -19.05
C ARG A 94 -24.30 17.73 -20.43
N ALA A 95 -23.68 18.51 -21.33
CA ALA A 95 -23.48 18.06 -22.69
C ALA A 95 -22.52 16.89 -22.77
N ALA A 96 -21.42 16.95 -22.01
CA ALA A 96 -20.39 15.91 -22.07
C ALA A 96 -20.73 14.70 -21.23
N ALA A 97 -21.84 14.71 -20.49
CA ALA A 97 -22.14 13.65 -19.54
C ALA A 97 -22.83 12.48 -20.24
N ALA A 98 -22.24 11.30 -20.13
CA ALA A 98 -22.95 10.08 -20.47
C ALA A 98 -24.10 9.88 -19.48
N PRO A 99 -25.05 9.00 -19.79
CA PRO A 99 -26.13 8.73 -18.83
C PRO A 99 -25.57 8.17 -17.52
N GLY A 100 -26.03 8.74 -16.41
CA GLY A 100 -25.54 8.32 -15.11
C GLY A 100 -24.09 8.62 -14.85
N ALA A 101 -23.54 9.66 -15.49
CA ALA A 101 -22.14 9.99 -15.33
C ALA A 101 -21.87 10.54 -13.92
N LYS A 102 -20.60 10.45 -13.52
CA LYS A 102 -20.13 10.97 -12.24
C LYS A 102 -19.47 12.32 -12.49
N VAL A 103 -19.97 13.36 -11.82
CA VAL A 103 -19.40 14.69 -11.92
C VAL A 103 -18.60 14.95 -10.66
N LEU A 104 -17.31 15.24 -10.82
CA LEU A 104 -16.37 15.36 -9.71
C LEU A 104 -15.73 16.74 -9.75
N LEU A 105 -16.02 17.56 -8.74
CA LEU A 105 -15.57 18.95 -8.70
C LEU A 105 -14.23 19.01 -7.98
N LEU A 106 -13.16 19.26 -8.74
CA LEU A 106 -11.83 19.43 -8.18
C LEU A 106 -11.63 20.92 -7.84
N GLN A 107 -12.39 21.36 -6.83
CA GLN A 107 -12.55 22.77 -6.55
C GLN A 107 -12.51 23.03 -5.06
N ASN A 108 -11.94 24.17 -4.68
CA ASN A 108 -11.91 24.61 -3.29
C ASN A 108 -13.24 25.26 -2.91
N GLY A 109 -13.38 25.55 -1.63
CA GLY A 109 -14.51 26.33 -1.14
C GLY A 109 -15.52 25.48 -0.38
N LEU A 110 -16.64 26.12 -0.08
CA LEU A 110 -17.73 25.53 0.69
C LEU A 110 -19.05 25.71 -0.05
N GLY A 111 -19.90 24.69 0.00
CA GLY A 111 -21.17 24.74 -0.70
C GLY A 111 -21.07 24.65 -2.20
N VAL A 112 -19.93 24.20 -2.73
CA VAL A 112 -19.71 24.20 -4.17
C VAL A 112 -20.71 23.26 -4.85
N GLU A 113 -20.80 22.03 -4.37
CA GLU A 113 -21.71 21.05 -4.97
C GLU A 113 -23.16 21.50 -4.85
N GLU A 114 -23.53 22.02 -3.68
CA GLU A 114 -24.92 22.43 -3.45
C GLU A 114 -25.35 23.51 -4.43
N ARG A 115 -24.47 24.48 -4.71
CA ARG A 115 -24.81 25.56 -5.61
C ARG A 115 -24.87 25.11 -7.07
N LEU A 116 -24.23 23.99 -7.41
CA LEU A 116 -24.24 23.48 -8.78
C LEU A 116 -25.38 22.51 -9.02
N ARG A 117 -25.78 21.76 -7.99
CA ARG A 117 -26.82 20.73 -8.09
C ARG A 117 -28.08 21.18 -8.84
N PRO A 118 -28.66 22.36 -8.60
CA PRO A 118 -29.88 22.71 -9.35
C PRO A 118 -29.68 22.75 -10.85
N LEU A 119 -28.43 22.81 -11.33
CA LEU A 119 -28.15 22.89 -12.75
C LEU A 119 -27.69 21.56 -13.34
N LEU A 120 -27.73 20.48 -12.56
CA LEU A 120 -27.36 19.17 -13.07
C LEU A 120 -28.55 18.22 -12.96
N PRO A 121 -28.78 17.38 -13.97
CA PRO A 121 -29.85 16.39 -13.86
C PRO A 121 -29.65 15.51 -12.64
N GLU A 122 -30.76 15.22 -11.95
CA GLU A 122 -30.67 14.38 -10.76
C GLU A 122 -30.16 12.97 -11.08
N SER A 123 -30.10 12.60 -12.36
CA SER A 123 -29.56 11.30 -12.75
C SER A 123 -28.05 11.27 -12.76
N LEU A 124 -27.38 12.41 -12.56
CA LEU A 124 -25.92 12.44 -12.48
C LEU A 124 -25.48 12.40 -11.04
N HIS A 125 -24.40 11.67 -10.77
CA HIS A 125 -23.78 11.67 -9.46
C HIS A 125 -22.85 12.86 -9.34
N LEU A 126 -23.01 13.65 -8.28
CA LEU A 126 -22.24 14.87 -8.06
C LEU A 126 -21.36 14.67 -6.83
N LEU A 127 -20.05 14.70 -7.04
CA LEU A 127 -19.07 14.43 -5.99
C LEU A 127 -18.10 15.60 -5.91
N GLY A 128 -17.47 15.72 -4.74
CA GLY A 128 -16.42 16.70 -4.51
C GLY A 128 -15.07 16.00 -4.43
N GLY A 129 -14.07 16.60 -5.07
CA GLY A 129 -12.71 16.10 -4.98
C GLY A 129 -11.77 17.14 -4.40
N LEU A 130 -11.45 16.99 -3.11
CA LEU A 130 -10.54 17.93 -2.44
C LEU A 130 -9.11 17.52 -2.75
N CYS A 131 -8.39 18.39 -3.46
CA CYS A 131 -7.04 18.10 -3.94
C CYS A 131 -6.03 18.85 -3.08
N PHE A 132 -5.12 18.11 -2.47
CA PHE A 132 -4.06 18.67 -1.63
C PHE A 132 -2.78 18.59 -2.46
N ILE A 133 -2.45 19.70 -3.12
CA ILE A 133 -1.47 19.70 -4.21
C ILE A 133 -0.95 21.13 -4.37
N CYS A 134 0.35 21.24 -4.65
CA CYS A 134 0.98 22.50 -5.03
C CYS A 134 1.24 22.44 -6.52
N VAL A 135 0.40 23.12 -7.30
CA VAL A 135 0.48 23.06 -8.76
C VAL A 135 0.02 24.40 -9.33
N HIS A 136 0.61 24.78 -10.46
CA HIS A 136 0.17 25.96 -11.19
C HIS A 136 0.54 25.78 -12.65
N ARG A 137 -0.07 26.60 -13.50
CA ARG A 137 0.23 26.59 -14.93
C ARG A 137 1.52 27.36 -15.17
N GLY A 138 2.40 26.79 -15.98
CA GLY A 138 3.58 27.50 -16.42
C GLY A 138 3.32 28.17 -17.76
N GLU A 139 4.22 27.98 -18.72
CA GLU A 139 3.92 28.37 -20.10
C GLU A 139 2.71 27.58 -20.58
N PRO A 140 2.06 28.04 -21.67
CA PRO A 140 0.84 27.34 -22.13
C PRO A 140 1.15 25.89 -22.49
N GLY A 141 0.31 24.99 -21.96
CA GLY A 141 0.51 23.58 -22.14
C GLY A 141 1.49 22.93 -21.18
N VAL A 142 2.03 23.68 -20.24
CA VAL A 142 3.04 23.18 -19.30
C VAL A 142 2.50 23.33 -17.88
N ILE A 143 2.53 22.23 -17.12
CA ILE A 143 1.99 22.17 -15.77
C ILE A 143 3.14 22.03 -14.79
N GLU A 144 3.19 22.92 -13.81
CA GLU A 144 4.29 22.99 -12.84
C GLU A 144 3.80 22.42 -11.51
N HIS A 145 4.22 21.20 -11.20
CA HIS A 145 3.76 20.46 -10.03
C HIS A 145 4.89 20.38 -9.01
N GLN A 146 4.73 21.08 -7.88
CA GLN A 146 5.80 21.17 -6.90
C GLN A 146 5.72 20.09 -5.81
N ALA A 147 4.52 19.67 -5.40
CA ALA A 147 4.42 18.75 -4.28
C ALA A 147 3.01 18.17 -4.19
N TYR A 148 2.92 17.05 -3.48
CA TYR A 148 1.69 16.36 -3.07
C TYR A 148 0.90 15.95 -4.32
N GLY A 149 -0.43 15.98 -4.27
CA GLY A 149 -1.25 15.54 -5.38
C GLY A 149 -2.48 14.73 -4.98
N GLY A 150 -2.61 14.42 -3.70
CA GLY A 150 -3.69 13.54 -3.27
C GLY A 150 -5.06 14.17 -3.43
N VAL A 151 -6.06 13.32 -3.65
CA VAL A 151 -7.46 13.74 -3.81
C VAL A 151 -8.32 12.97 -2.83
N ASN A 152 -9.06 13.69 -2.01
CA ASN A 152 -10.06 13.09 -1.12
C ASN A 152 -11.44 13.32 -1.72
N LEU A 153 -12.16 12.24 -1.97
CA LEU A 153 -13.45 12.29 -2.65
C LEU A 153 -14.59 12.15 -1.66
N GLY A 154 -15.66 12.89 -1.92
CA GLY A 154 -16.89 12.76 -1.16
C GLY A 154 -18.09 12.92 -2.08
N TYR A 155 -19.20 12.32 -1.66
CA TYR A 155 -20.42 12.29 -2.46
C TYR A 155 -21.39 13.35 -1.95
N HIS A 156 -21.91 14.17 -2.87
CA HIS A 156 -22.89 15.18 -2.49
C HIS A 156 -24.32 14.74 -2.76
N SER A 157 -24.65 14.42 -4.01
CA SER A 157 -26.03 14.18 -4.38
C SER A 157 -26.07 13.36 -5.66
N GLY A 158 -27.24 12.79 -5.92
CA GLY A 158 -27.43 11.92 -7.07
C GLY A 158 -28.32 10.73 -6.74
N PRO A 159 -28.51 9.85 -7.72
CA PRO A 159 -29.51 8.78 -7.57
C PRO A 159 -29.13 7.61 -6.66
N ALA A 160 -27.95 7.62 -6.02
CA ALA A 160 -27.48 6.51 -5.23
C ALA A 160 -27.94 6.59 -3.76
N ASP A 161 -28.25 5.42 -3.24
CA ASP A 161 -28.48 5.22 -1.80
C ASP A 161 -27.12 5.21 -1.09
N GLU A 162 -27.14 5.16 0.22
CA GLU A 162 -25.90 5.24 1.03
C GLU A 162 -24.89 4.19 0.59
N ARG A 163 -25.25 2.92 0.59
CA ARG A 163 -24.37 1.80 0.11
C ARG A 163 -23.75 2.10 -1.27
N ARG A 164 -24.58 2.39 -2.25
CA ARG A 164 -24.13 2.80 -3.57
C ARG A 164 -23.26 4.05 -3.52
N ARG A 165 -23.56 5.04 -2.68
CA ARG A 165 -22.72 6.25 -2.61
C ARG A 165 -21.30 5.90 -2.19
N ARG A 166 -21.15 5.05 -1.18
CA ARG A 166 -19.82 4.64 -0.74
C ARG A 166 -19.10 3.86 -1.83
N GLU A 167 -19.83 3.00 -2.56
CA GLU A 167 -19.21 2.26 -3.65
C GLU A 167 -18.71 3.20 -4.75
N ILE A 168 -19.47 4.24 -5.06
CA ILE A 168 -19.08 5.16 -6.13
C ILE A 168 -17.90 6.02 -5.70
N VAL A 169 -17.88 6.47 -4.44
CA VAL A 169 -16.73 7.20 -3.92
C VAL A 169 -15.48 6.33 -4.00
N GLU A 170 -15.61 5.03 -3.71
CA GLU A 170 -14.47 4.14 -3.79
C GLU A 170 -14.04 3.92 -5.24
N GLU A 171 -14.99 3.89 -6.17
CA GLU A 171 -14.65 3.76 -7.58
C GLU A 171 -13.81 4.95 -8.04
N GLY A 172 -14.22 6.17 -7.65
CA GLY A 172 -13.42 7.34 -7.99
C GLY A 172 -12.04 7.28 -7.38
N ALA A 173 -11.96 6.98 -6.09
CA ALA A 173 -10.66 6.89 -5.43
C ALA A 173 -9.75 5.88 -6.12
N ALA A 174 -10.31 4.78 -6.60
CA ALA A 174 -9.52 3.76 -7.28
C ALA A 174 -8.95 4.29 -8.60
N LEU A 175 -9.73 5.10 -9.32
CA LEU A 175 -9.22 5.72 -10.54
C LEU A 175 -7.90 6.44 -10.27
N PHE A 176 -7.89 7.30 -9.25
CA PHE A 176 -6.69 8.05 -8.92
C PHE A 176 -5.60 7.16 -8.34
N ARG A 177 -5.99 6.14 -7.56
CA ARG A 177 -5.00 5.22 -7.01
C ARG A 177 -4.29 4.47 -8.12
N GLU A 178 -5.04 3.98 -9.12
CA GLU A 178 -4.44 3.29 -10.26
C GLU A 178 -3.45 4.17 -11.01
N SER A 179 -3.56 5.49 -10.91
CA SER A 179 -2.70 6.41 -11.63
C SER A 179 -1.47 6.81 -10.85
N GLY A 180 -1.27 6.25 -9.65
CA GLY A 180 -0.13 6.58 -8.83
C GLY A 180 -0.34 7.74 -7.88
N LEU A 181 -1.58 8.10 -7.59
CA LEU A 181 -1.90 9.20 -6.70
C LEU A 181 -2.50 8.68 -5.40
N GLU A 182 -2.30 9.45 -4.32
CA GLU A 182 -2.96 9.15 -3.06
C GLU A 182 -4.43 9.55 -3.17
N SER A 183 -5.32 8.66 -2.73
CA SER A 183 -6.76 8.95 -2.77
C SER A 183 -7.45 8.33 -1.57
N THR A 184 -8.43 9.05 -1.02
CA THR A 184 -9.14 8.66 0.18
C THR A 184 -10.63 8.86 -0.02
N ALA A 185 -11.41 7.83 0.32
CA ALA A 185 -12.87 7.95 0.36
C ALA A 185 -13.26 8.67 1.64
N MET A 186 -13.97 9.79 1.50
CA MET A 186 -14.44 10.53 2.67
C MET A 186 -15.89 10.15 2.98
N PRO A 187 -16.25 10.00 4.26
CA PRO A 187 -17.65 9.72 4.59
C PRO A 187 -18.53 10.98 4.54
N ASP A 188 -17.93 12.15 4.74
CA ASP A 188 -18.69 13.40 4.91
C ASP A 188 -18.02 14.50 4.10
N LEU A 189 -18.59 14.83 2.94
CA LEU A 189 -17.95 15.80 2.05
C LEU A 189 -17.95 17.20 2.65
N GLU A 190 -19.03 17.59 3.34
CA GLU A 190 -19.06 18.92 3.92
C GLU A 190 -18.01 19.07 5.01
N GLN A 191 -17.88 18.06 5.87
CA GLN A 191 -16.83 18.06 6.89
C GLN A 191 -15.46 18.20 6.26
N ALA A 192 -15.21 17.46 5.17
CA ALA A 192 -13.93 17.56 4.49
C ALA A 192 -13.71 18.95 3.91
N ARG A 193 -14.78 19.58 3.39
CA ARG A 193 -14.63 20.91 2.83
C ARG A 193 -14.34 21.94 3.91
N TRP A 194 -14.96 21.80 5.09
CA TRP A 194 -14.61 22.68 6.21
C TRP A 194 -13.16 22.51 6.61
N GLN A 195 -12.69 21.26 6.68
CA GLN A 195 -11.29 20.97 7.01
C GLN A 195 -10.35 21.69 6.06
N LYS A 196 -10.63 21.60 4.75
CA LYS A 196 -9.77 22.21 3.75
C LYS A 196 -9.79 23.73 3.83
N LEU A 197 -10.90 24.31 4.30
CA LEU A 197 -10.97 25.77 4.43
C LEU A 197 -9.94 26.29 5.43
N VAL A 198 -9.55 25.47 6.41
CA VAL A 198 -8.58 25.92 7.41
C VAL A 198 -7.27 26.31 6.74
N TRP A 199 -6.90 25.63 5.65
CA TRP A 199 -5.69 26.04 4.94
C TRP A 199 -5.99 27.17 3.95
N ASN A 200 -7.03 27.01 3.14
CA ASN A 200 -7.22 27.91 2.01
C ASN A 200 -7.65 29.31 2.45
N ILE A 201 -8.40 29.43 3.55
CA ILE A 201 -8.86 30.75 3.98
C ILE A 201 -7.71 31.68 4.33
N PRO A 202 -6.75 31.30 5.20
CA PRO A 202 -5.64 32.22 5.48
C PRO A 202 -4.66 32.35 4.32
N TYR A 203 -4.25 31.24 3.70
CA TYR A 203 -3.12 31.29 2.77
C TYR A 203 -3.50 31.93 1.45
N ASN A 204 -4.70 31.63 0.93
CA ASN A 204 -5.09 32.20 -0.36
C ASN A 204 -5.23 33.71 -0.28
N GLY A 205 -6.00 34.20 0.70
CA GLY A 205 -6.22 35.62 0.82
C GLY A 205 -4.97 36.39 1.23
N LEU A 206 -4.26 35.89 2.25
CA LEU A 206 -3.09 36.60 2.74
C LEU A 206 -1.99 36.67 1.68
N SER A 207 -1.88 35.64 0.83
CA SER A 207 -0.89 35.71 -0.24
C SER A 207 -1.18 36.84 -1.20
N VAL A 208 -2.45 37.16 -1.42
CA VAL A 208 -2.80 38.34 -2.21
C VAL A 208 -2.64 39.61 -1.38
N LEU A 209 -3.22 39.62 -0.18
CA LEU A 209 -3.23 40.84 0.64
C LEU A 209 -1.82 41.31 0.94
N LEU A 210 -0.92 40.40 1.29
CA LEU A 210 0.44 40.73 1.65
C LEU A 210 1.44 40.46 0.53
N LYS A 211 0.94 40.21 -0.69
CA LYS A 211 1.72 39.82 -1.86
C LYS A 211 2.92 38.94 -1.51
N SER A 212 2.65 37.72 -1.07
CA SER A 212 3.71 36.86 -0.55
C SER A 212 3.34 35.40 -0.78
N SER A 213 4.36 34.58 -1.03
CA SER A 213 4.18 33.15 -1.11
C SER A 213 4.19 32.54 0.29
N THR A 214 4.12 31.21 0.36
CA THR A 214 3.93 30.55 1.65
C THR A 214 5.15 30.67 2.55
N ALA A 215 6.35 30.55 1.98
CA ALA A 215 7.55 30.52 2.81
C ALA A 215 7.78 31.83 3.57
N PRO A 216 7.71 33.02 2.94
CA PRO A 216 7.83 34.23 3.75
C PRO A 216 6.71 34.40 4.76
N LEU A 217 5.49 33.95 4.42
CA LEU A 217 4.40 34.02 5.38
C LEU A 217 4.70 33.17 6.62
N MET A 218 5.35 32.02 6.43
CA MET A 218 5.67 31.18 7.56
C MET A 218 6.93 31.64 8.31
N ALA A 219 7.84 32.32 7.61
CA ALA A 219 9.09 32.72 8.22
C ALA A 219 8.98 33.99 9.06
N ASN A 220 7.98 34.82 8.80
CA ASN A 220 7.75 36.03 9.59
C ASN A 220 6.80 35.72 10.74
N ALA A 221 7.20 36.10 11.95
CA ALA A 221 6.45 35.70 13.14
C ALA A 221 5.09 36.37 13.23
N ASP A 222 4.93 37.55 12.63
CA ASP A 222 3.65 38.26 12.72
C ASP A 222 2.62 37.65 11.79
N SER A 223 3.01 37.35 10.55
CA SER A 223 2.09 36.67 9.64
C SER A 223 1.83 35.25 10.10
N ARG A 224 2.84 34.58 10.67
CA ARG A 224 2.63 33.23 11.18
C ARG A 224 1.60 33.22 12.31
N SER A 225 1.71 34.17 13.24
CA SER A 225 0.70 34.29 14.29
C SER A 225 -0.66 34.64 13.71
N LEU A 226 -0.68 35.47 12.66
CA LEU A 226 -1.95 35.85 12.05
C LEU A 226 -2.59 34.68 11.34
N ILE A 227 -1.79 33.85 10.65
CA ILE A 227 -2.31 32.66 10.00
C ILE A 227 -2.93 31.73 11.05
N GLU A 228 -2.24 31.53 12.17
CA GLU A 228 -2.74 30.63 13.20
C GLU A 228 -4.06 31.15 13.78
N ALA A 229 -4.16 32.46 14.01
CA ALA A 229 -5.40 33.03 14.52
C ALA A 229 -6.55 32.79 13.54
N ILE A 230 -6.30 33.01 12.24
CA ILE A 230 -7.33 32.79 11.24
C ILE A 230 -7.76 31.32 11.23
N MET A 231 -6.81 30.41 11.37
CA MET A 231 -7.13 28.98 11.40
C MET A 231 -8.09 28.67 12.55
N GLU A 232 -7.85 29.26 13.73
CA GLU A 232 -8.74 28.98 14.85
C GLU A 232 -10.15 29.52 14.63
N GLU A 233 -10.27 30.62 13.88
CA GLU A 233 -11.60 31.10 13.53
C GLU A 233 -12.32 30.12 12.61
N VAL A 234 -11.61 29.58 11.62
CA VAL A 234 -12.22 28.60 10.73
C VAL A 234 -12.55 27.32 11.49
N ILE A 235 -11.63 26.86 12.34
CA ILE A 235 -11.89 25.69 13.16
C ILE A 235 -13.10 25.93 14.07
N GLY A 236 -13.17 27.11 14.69
CA GLY A 236 -14.30 27.41 15.54
C GLY A 236 -15.61 27.53 14.77
N ALA A 237 -15.56 28.09 13.56
CA ALA A 237 -16.76 28.21 12.75
C ALA A 237 -17.27 26.85 12.33
N ALA A 238 -16.37 25.95 11.92
CA ALA A 238 -16.77 24.60 11.54
C ALA A 238 -17.46 23.89 12.69
N GLY A 239 -16.90 23.99 13.89
CA GLY A 239 -17.55 23.40 15.05
C GLY A 239 -18.93 23.98 15.30
N ALA A 240 -19.03 25.32 15.21
CA ALA A 240 -20.33 25.97 15.43
C ALA A 240 -21.38 25.50 14.44
N CYS A 241 -20.97 25.16 13.22
CA CYS A 241 -21.89 24.63 12.21
C CYS A 241 -22.05 23.13 12.29
N GLY A 242 -21.49 22.49 13.32
CA GLY A 242 -21.69 21.08 13.54
C GLY A 242 -20.65 20.16 12.95
N PHE A 243 -19.43 20.65 12.73
CA PHE A 243 -18.37 19.87 12.10
C PHE A 243 -17.11 20.01 12.97
N ILE A 244 -16.98 19.12 13.96
CA ILE A 244 -15.86 19.18 14.89
C ILE A 244 -14.60 18.73 14.16
N LEU A 245 -13.55 19.54 14.23
CA LEU A 245 -12.33 19.12 13.59
C LEU A 245 -11.30 18.69 14.62
N PRO A 246 -10.30 17.90 14.21
CA PRO A 246 -9.44 17.23 15.20
C PRO A 246 -8.69 18.17 16.13
N GLU A 247 -8.33 17.63 17.30
CA GLU A 247 -7.46 18.31 18.23
C GLU A 247 -6.16 18.74 17.55
N GLY A 248 -5.69 19.93 17.90
CA GLY A 248 -4.42 20.41 17.39
C GLY A 248 -4.32 20.42 15.88
N TYR A 249 -5.42 20.68 15.18
CA TYR A 249 -5.38 20.67 13.72
C TYR A 249 -4.57 21.85 13.19
N ALA A 250 -4.64 23.00 13.85
CA ALA A 250 -3.92 24.17 13.39
C ALA A 250 -2.41 23.94 13.45
N ASP A 251 -1.91 23.44 14.59
CA ASP A 251 -0.49 23.16 14.72
C ASP A 251 -0.01 22.18 13.65
N GLN A 252 -0.80 21.13 13.39
CA GLN A 252 -0.45 20.17 12.35
C GLN A 252 -0.36 20.84 10.98
N LEU A 253 -1.41 21.59 10.61
CA LEU A 253 -1.45 22.24 9.30
C LEU A 253 -0.30 23.23 9.15
N LEU A 254 -0.01 23.98 10.22
CA LEU A 254 1.12 24.91 10.18
C LEU A 254 2.44 24.17 9.98
N ALA A 255 2.59 23.02 10.64
CA ALA A 255 3.81 22.23 10.48
C ALA A 255 3.97 21.75 9.04
N ALA A 256 2.89 21.20 8.46
CA ALA A 256 2.95 20.74 7.09
C ALA A 256 3.32 21.88 6.14
N THR A 257 2.84 23.09 6.41
CA THR A 257 3.16 24.22 5.55
C THR A 257 4.62 24.63 5.67
N GLU A 258 5.22 24.46 6.85
CA GLU A 258 6.65 24.65 6.98
C GLU A 258 7.41 23.68 6.09
N ARG A 259 7.03 22.40 6.12
CA ARG A 259 7.64 21.39 5.26
C ARG A 259 7.40 21.66 3.78
N MET A 260 6.37 22.42 3.47
CA MET A 260 5.97 22.67 2.09
C MET A 260 7.01 23.52 1.36
N PRO A 261 7.22 23.29 0.07
CA PRO A 261 8.05 24.21 -0.71
C PRO A 261 7.39 25.57 -0.83
N ASP A 262 8.18 26.57 -1.20
CA ASP A 262 7.65 27.92 -1.36
C ASP A 262 6.62 27.94 -2.48
N TYR A 263 5.37 28.23 -2.13
CA TYR A 263 4.24 28.02 -3.03
C TYR A 263 3.36 29.26 -3.09
N ARG A 264 2.95 29.59 -4.31
CA ARG A 264 1.98 30.66 -4.53
C ARG A 264 0.60 30.05 -4.66
N PRO A 265 -0.34 30.37 -3.76
CA PRO A 265 -1.69 29.81 -3.87
C PRO A 265 -2.35 30.21 -5.18
N SER A 266 -3.37 29.43 -5.56
CA SER A 266 -4.11 29.69 -6.79
C SER A 266 -4.63 31.12 -6.83
N MET A 267 -5.14 31.62 -5.70
CA MET A 267 -5.68 32.96 -5.63
C MET A 267 -4.60 34.01 -5.94
N TYR A 268 -3.35 33.74 -5.58
CA TYR A 268 -2.27 34.65 -5.92
C TYR A 268 -2.16 34.83 -7.43
N HIS A 269 -2.18 33.71 -8.17
CA HIS A 269 -2.09 33.78 -9.62
C HIS A 269 -3.28 34.51 -10.21
N ASP A 270 -4.48 34.31 -9.63
CA ASP A 270 -5.67 34.97 -10.14
C ASP A 270 -5.53 36.48 -10.08
N PHE A 271 -5.09 37.01 -8.94
CA PHE A 271 -4.94 38.46 -8.81
C PHE A 271 -3.79 38.98 -9.67
N ALA A 272 -2.72 38.20 -9.79
CA ALA A 272 -1.61 38.62 -10.66
C ALA A 272 -2.07 38.77 -12.10
N HIS A 273 -3.00 37.93 -12.54
CA HIS A 273 -3.46 37.89 -13.92
C HIS A 273 -4.77 38.63 -14.13
N GLY A 274 -5.27 39.35 -13.12
CA GLY A 274 -6.52 40.06 -13.27
C GLY A 274 -7.75 39.19 -13.37
N ARG A 275 -7.66 37.92 -12.98
CA ARG A 275 -8.81 37.05 -12.96
C ARG A 275 -9.59 37.22 -11.66
N PRO A 276 -10.91 37.05 -11.69
CA PRO A 276 -11.70 37.21 -10.46
C PRO A 276 -11.32 36.19 -9.42
N LEU A 277 -11.33 36.62 -8.15
CA LEU A 277 -10.96 35.75 -7.06
C LEU A 277 -12.13 34.86 -6.65
N GLU A 278 -11.81 33.66 -6.16
CA GLU A 278 -12.81 32.72 -5.68
C GLU A 278 -13.32 33.12 -4.31
N LEU A 279 -13.70 34.40 -4.15
CA LEU A 279 -14.12 34.88 -2.83
C LEU A 279 -15.43 34.24 -2.40
N ALA A 280 -16.37 34.05 -3.33
CA ALA A 280 -17.69 33.58 -2.98
C ALA A 280 -17.65 32.21 -2.31
N ALA A 281 -16.88 31.28 -2.87
CA ALA A 281 -16.85 29.93 -2.32
C ALA A 281 -15.93 29.80 -1.12
N ILE A 282 -14.82 30.54 -1.10
CA ILE A 282 -13.84 30.38 -0.04
C ILE A 282 -14.13 31.27 1.18
N TYR A 283 -14.69 32.46 0.96
CA TYR A 283 -14.95 33.38 2.07
C TYR A 283 -16.43 33.65 2.29
N ALA A 284 -17.17 34.04 1.26
CA ALA A 284 -18.57 34.43 1.46
C ALA A 284 -19.40 33.28 2.00
N ALA A 285 -19.20 32.07 1.47
CA ALA A 285 -20.05 30.95 1.88
C ALA A 285 -19.81 30.55 3.34
N PRO A 286 -18.57 30.33 3.80
CA PRO A 286 -18.41 29.99 5.23
C PRO A 286 -18.73 31.14 6.17
N LEU A 287 -18.54 32.40 5.74
CA LEU A 287 -18.98 33.51 6.57
C LEU A 287 -20.49 33.50 6.76
N ALA A 288 -21.23 33.20 5.69
CA ALA A 288 -22.68 33.11 5.79
C ALA A 288 -23.11 31.96 6.69
N ARG A 289 -22.47 30.79 6.54
CA ARG A 289 -22.77 29.67 7.42
C ARG A 289 -22.47 30.01 8.87
N ALA A 290 -21.37 30.72 9.12
CA ALA A 290 -21.01 31.09 10.49
C ALA A 290 -22.06 32.02 11.10
N ALA A 291 -22.47 33.05 10.36
CA ALA A 291 -23.46 33.99 10.87
C ALA A 291 -24.78 33.29 11.17
N ALA A 292 -25.16 32.32 10.34
CA ALA A 292 -26.37 31.55 10.60
C ALA A 292 -26.25 30.79 11.92
N ALA A 293 -25.06 30.30 12.23
CA ALA A 293 -24.81 29.57 13.46
C ALA A 293 -24.47 30.47 14.64
N GLY A 294 -24.46 31.79 14.45
CA GLY A 294 -24.19 32.71 15.54
C GLY A 294 -22.73 32.80 15.95
N TYR A 295 -21.81 32.47 15.05
CA TYR A 295 -20.38 32.47 15.34
C TYR A 295 -19.71 33.48 14.42
N ARG A 296 -19.02 34.46 15.00
CA ARG A 296 -18.36 35.51 14.24
C ARG A 296 -16.90 35.16 14.01
N MET A 297 -16.40 35.51 12.82
CA MET A 297 -15.01 35.28 12.42
C MET A 297 -14.41 36.62 12.05
N PRO A 298 -14.02 37.42 13.05
CA PRO A 298 -13.62 38.81 12.75
C PRO A 298 -12.44 38.94 11.81
N ARG A 299 -11.42 38.10 11.93
CA ARG A 299 -10.28 38.20 11.03
C ARG A 299 -10.64 37.75 9.62
N VAL A 300 -11.42 36.68 9.48
CA VAL A 300 -11.83 36.22 8.16
C VAL A 300 -12.76 37.23 7.51
N GLU A 301 -13.72 37.75 8.29
CA GLU A 301 -14.61 38.80 7.80
C GLU A 301 -13.81 39.97 7.24
N ALA A 302 -12.79 40.41 7.98
CA ALA A 302 -11.98 41.55 7.55
C ALA A 302 -11.14 41.22 6.33
N LEU A 303 -10.60 40.01 6.27
CA LEU A 303 -9.83 39.59 5.10
C LEU A 303 -10.69 39.61 3.85
N HIS A 304 -11.90 39.05 3.95
CA HIS A 304 -12.81 39.06 2.82
C HIS A 304 -13.11 40.49 2.37
N GLN A 305 -13.35 41.38 3.33
CA GLN A 305 -13.59 42.79 3.00
C GLN A 305 -12.39 43.40 2.29
N ALA A 306 -11.19 43.13 2.81
CA ALA A 306 -9.98 43.68 2.20
C ALA A 306 -9.79 43.15 0.78
N LEU A 307 -10.06 41.86 0.57
CA LEU A 307 -9.91 41.28 -0.77
C LEU A 307 -10.95 41.85 -1.73
N ARG A 308 -12.18 42.06 -1.26
CA ARG A 308 -13.19 42.68 -2.10
C ARG A 308 -12.81 44.12 -2.45
N PHE A 309 -12.29 44.87 -1.48
CA PHE A 309 -11.79 46.22 -1.78
C PHE A 309 -10.71 46.16 -2.84
N LEU A 310 -9.76 45.23 -2.69
CA LEU A 310 -8.65 45.14 -3.64
C LEU A 310 -9.13 44.80 -5.03
N GLU A 311 -10.16 43.95 -5.15
CA GLU A 311 -10.67 43.58 -6.47
C GLU A 311 -11.37 44.74 -7.15
N ALA A 312 -11.91 45.69 -6.38
CA ALA A 312 -12.58 46.85 -6.94
C ALA A 312 -11.63 48.00 -7.27
N GLN A 313 -10.37 47.94 -6.82
CA GLN A 313 -9.58 49.13 -7.04
C GLN A 313 -8.89 49.08 -8.41
N PRO A 314 -8.75 50.25 -9.06
CA PRO A 314 -8.08 50.36 -10.36
C PRO A 314 -6.59 50.03 -10.30
N GLN B 5 1.46 -17.07 10.91
CA GLN B 5 2.05 -15.97 11.65
C GLN B 5 1.14 -14.75 11.65
N GLN B 6 1.04 -14.11 12.83
CA GLN B 6 0.09 -13.02 13.05
C GLN B 6 0.36 -11.85 12.12
N ARG B 7 -0.70 -11.32 11.52
CA ARG B 7 -0.60 -10.10 10.73
C ARG B 7 -0.52 -8.90 11.67
N ILE B 8 0.52 -8.09 11.52
CA ILE B 8 0.83 -7.02 12.45
C ILE B 8 0.64 -5.68 11.75
N GLY B 9 0.00 -4.74 12.44
CA GLY B 9 -0.17 -3.39 11.94
C GLY B 9 0.41 -2.38 12.90
N VAL B 10 1.01 -1.32 12.35
CA VAL B 10 1.60 -0.25 13.13
C VAL B 10 0.76 1.01 12.91
N ILE B 11 0.17 1.52 13.97
CA ILE B 11 -0.68 2.70 13.93
C ILE B 11 0.13 3.86 14.51
N GLY B 12 0.72 4.66 13.62
CA GLY B 12 1.61 5.72 14.05
C GLY B 12 3.06 5.30 13.94
N THR B 13 3.64 5.47 12.75
CA THR B 13 4.97 4.92 12.45
C THR B 13 6.01 6.03 12.61
N GLY B 14 6.33 6.33 13.87
CA GLY B 14 7.39 7.27 14.16
C GLY B 14 8.66 6.58 14.63
N ALA B 15 9.32 7.15 15.64
CA ALA B 15 10.52 6.52 16.18
C ALA B 15 10.21 5.15 16.76
N ILE B 16 9.22 5.09 17.66
CA ILE B 16 8.87 3.83 18.32
C ILE B 16 8.20 2.88 17.33
N GLY B 17 7.16 3.36 16.66
CA GLY B 17 6.44 2.51 15.72
C GLY B 17 7.31 2.00 14.59
N GLY B 18 8.15 2.88 14.04
CA GLY B 18 9.08 2.44 13.01
C GLY B 18 10.06 1.40 13.51
N PHE B 19 10.67 1.65 14.67
CA PHE B 19 11.65 0.72 15.21
C PHE B 19 11.05 -0.67 15.39
N TYR B 20 9.98 -0.76 16.19
CA TYR B 20 9.44 -2.07 16.52
C TYR B 20 8.80 -2.74 15.32
N GLY B 21 8.21 -1.95 14.41
CA GLY B 21 7.69 -2.53 13.18
C GLY B 21 8.78 -3.07 12.29
N LEU B 22 9.87 -2.30 12.10
CA LEU B 22 10.97 -2.75 11.26
C LEU B 22 11.62 -4.01 11.84
N MET B 23 11.82 -4.06 13.16
CA MET B 23 12.40 -5.24 13.77
C MET B 23 11.52 -6.47 13.54
N LEU B 24 10.20 -6.31 13.67
CA LEU B 24 9.29 -7.42 13.45
C LEU B 24 9.29 -7.85 11.98
N ALA B 25 9.24 -6.88 11.07
CA ALA B 25 9.23 -7.20 9.64
C ALA B 25 10.53 -7.86 9.22
N HIS B 26 11.66 -7.41 9.77
CA HIS B 26 12.94 -8.03 9.43
C HIS B 26 13.02 -9.47 9.94
N ALA B 27 12.30 -9.79 11.01
CA ALA B 27 12.27 -11.12 11.57
C ALA B 27 11.25 -12.03 10.90
N GLY B 28 10.68 -11.61 9.77
CA GLY B 28 9.79 -12.48 9.01
C GLY B 28 8.32 -12.37 9.35
N HIS B 29 7.89 -11.27 9.96
CA HIS B 29 6.47 -11.04 10.23
C HIS B 29 5.88 -10.15 9.14
N ASP B 30 4.58 -10.33 8.91
CA ASP B 30 3.83 -9.51 7.96
C ASP B 30 3.40 -8.22 8.67
N VAL B 31 4.05 -7.12 8.34
CA VAL B 31 3.85 -5.85 9.04
C VAL B 31 3.33 -4.81 8.07
N HIS B 32 2.28 -4.09 8.49
CA HIS B 32 1.65 -3.05 7.69
C HIS B 32 1.72 -1.75 8.46
N PHE B 33 2.25 -0.70 7.83
CA PHE B 33 2.59 0.55 8.49
C PHE B 33 1.60 1.64 8.09
N LEU B 34 0.90 2.20 9.07
CA LEU B 34 0.10 3.40 8.84
C LEU B 34 0.96 4.62 9.15
N LEU B 35 1.09 5.50 8.16
CA LEU B 35 1.93 6.68 8.28
C LEU B 35 1.09 7.93 8.01
N ARG B 36 1.65 9.08 8.39
CA ARG B 36 0.98 10.35 8.14
C ARG B 36 1.89 11.27 7.33
N SER B 37 2.58 12.18 8.01
CA SER B 37 3.40 13.17 7.31
C SER B 37 4.50 12.52 6.48
N GLU B 38 5.03 11.38 6.94
CA GLU B 38 6.15 10.74 6.28
C GLU B 38 5.72 9.59 5.36
N PHE B 39 4.45 9.56 4.96
CA PHE B 39 3.97 8.47 4.11
C PHE B 39 4.67 8.49 2.75
N GLU B 40 4.73 9.66 2.11
CA GLU B 40 5.30 9.73 0.76
C GLU B 40 6.76 9.31 0.77
N ALA B 41 7.52 9.71 1.80
CA ALA B 41 8.92 9.32 1.87
C ALA B 41 9.06 7.81 2.09
N VAL B 42 8.26 7.24 2.99
CA VAL B 42 8.37 5.83 3.29
C VAL B 42 7.76 4.98 2.18
N ASN B 43 6.67 5.43 1.56
CA ASN B 43 6.09 4.69 0.45
C ASN B 43 7.05 4.59 -0.72
N ARG B 44 7.93 5.57 -0.89
CA ARG B 44 8.85 5.61 -2.02
C ARG B 44 10.18 4.94 -1.70
N ALA B 45 10.82 5.31 -0.59
CA ALA B 45 12.16 4.85 -0.27
C ALA B 45 12.21 3.82 0.85
N GLY B 46 11.09 3.51 1.47
CA GLY B 46 11.09 2.51 2.53
C GLY B 46 11.54 3.07 3.87
N LEU B 47 11.87 2.15 4.77
CA LEU B 47 12.32 2.47 6.11
C LEU B 47 13.76 2.02 6.30
N SER B 48 14.55 2.84 7.00
CA SER B 48 15.93 2.51 7.30
C SER B 48 16.17 2.67 8.80
N LEU B 49 17.07 1.85 9.33
CA LEU B 49 17.38 1.84 10.76
C LEU B 49 18.89 1.95 10.92
N ASN B 50 19.33 3.00 11.63
CA ASN B 50 20.72 3.17 12.04
C ASN B 50 20.78 2.87 13.53
N SER B 51 21.24 1.69 13.90
CA SER B 51 21.21 1.23 15.28
C SER B 51 22.63 0.99 15.77
N ALA B 52 23.00 1.65 16.87
CA ALA B 52 24.27 1.37 17.53
C ALA B 52 24.29 0.02 18.23
N VAL B 53 23.16 -0.68 18.24
CA VAL B 53 23.05 -2.00 18.83
C VAL B 53 23.09 -3.10 17.78
N HIS B 54 22.21 -3.01 16.78
CA HIS B 54 22.10 -4.03 15.75
C HIS B 54 22.83 -3.70 14.46
N GLY B 55 23.09 -2.41 14.21
CA GLY B 55 23.69 -2.00 12.96
C GLY B 55 22.67 -1.39 12.01
N PHE B 56 23.04 -1.40 10.73
CA PHE B 56 22.21 -0.79 9.70
C PHE B 56 21.26 -1.81 9.10
N ARG B 57 19.99 -1.45 9.04
CA ARG B 57 18.93 -2.27 8.47
C ARG B 57 18.11 -1.40 7.52
N ARG B 58 17.69 -1.98 6.40
CA ARG B 58 16.84 -1.28 5.47
C ARG B 58 15.70 -2.20 5.04
N LEU B 59 14.50 -1.61 4.91
CA LEU B 59 13.30 -2.34 4.50
C LEU B 59 12.67 -1.57 3.35
N ALA B 60 12.70 -2.15 2.15
CA ALA B 60 12.08 -1.53 0.99
C ALA B 60 11.78 -2.61 -0.03
N PRO B 61 10.54 -2.68 -0.54
CA PRO B 61 9.47 -1.75 -0.16
C PRO B 61 8.86 -2.06 1.21
N VAL B 62 8.16 -1.07 1.74
CA VAL B 62 7.41 -1.18 2.98
C VAL B 62 5.94 -1.28 2.62
N GLN B 63 5.18 -2.09 3.36
CA GLN B 63 3.73 -2.10 3.21
C GLN B 63 3.20 -0.85 3.90
N ALA B 64 3.04 0.22 3.13
CA ALA B 64 2.76 1.55 3.66
C ALA B 64 1.33 1.97 3.33
N TYR B 65 0.71 2.66 4.27
CA TYR B 65 -0.67 3.12 4.13
C TYR B 65 -0.78 4.53 4.69
N HIS B 66 -1.65 5.34 4.08
CA HIS B 66 -1.93 6.67 4.59
C HIS B 66 -3.34 6.80 5.17
N SER B 67 -4.15 5.76 5.08
CA SER B 67 -5.49 5.76 5.67
C SER B 67 -5.77 4.39 6.25
N ALA B 68 -6.32 4.37 7.47
CA ALA B 68 -6.50 3.12 8.19
C ALA B 68 -7.48 2.19 7.49
N GLN B 69 -8.43 2.73 6.74
CA GLN B 69 -9.42 1.87 6.07
C GLN B 69 -8.80 1.05 4.94
N ASP B 70 -7.64 1.45 4.41
CA ASP B 70 -6.96 0.67 3.39
C ASP B 70 -6.22 -0.53 3.95
N MET B 71 -5.98 -0.57 5.26
CA MET B 71 -5.15 -1.62 5.82
C MET B 71 -5.91 -2.94 5.86
N PRO B 72 -5.22 -4.06 5.64
CA PRO B 72 -5.85 -5.35 5.87
C PRO B 72 -6.08 -5.57 7.35
N PRO B 73 -7.08 -6.37 7.73
CA PRO B 73 -7.34 -6.59 9.16
C PRO B 73 -6.17 -7.31 9.83
N CYS B 74 -5.65 -6.70 10.88
CA CYS B 74 -4.46 -7.19 11.58
C CYS B 74 -4.83 -7.79 12.92
N ASP B 75 -4.04 -8.79 13.33
CA ASP B 75 -4.25 -9.50 14.60
C ASP B 75 -3.59 -8.82 15.78
N TRP B 76 -2.48 -8.13 15.53
CA TRP B 76 -1.83 -7.28 16.51
C TRP B 76 -1.72 -5.88 15.93
N LEU B 77 -2.04 -4.88 16.72
CA LEU B 77 -1.92 -3.49 16.32
C LEU B 77 -0.97 -2.80 17.28
N LEU B 78 0.17 -2.35 16.75
CA LEU B 78 1.16 -1.63 17.54
C LEU B 78 0.88 -0.14 17.40
N VAL B 79 0.43 0.48 18.48
CA VAL B 79 0.13 1.90 18.48
C VAL B 79 1.40 2.65 18.89
N GLY B 80 1.99 3.35 17.93
CA GLY B 80 3.19 4.13 18.17
C GLY B 80 3.00 5.63 18.10
N ALA B 81 1.76 6.12 18.02
CA ALA B 81 1.54 7.55 18.08
C ALA B 81 1.88 8.09 19.46
N LYS B 82 2.01 9.41 19.54
CA LYS B 82 2.03 10.06 20.84
C LYS B 82 0.65 9.97 21.47
N THR B 83 0.60 10.08 22.80
CA THR B 83 -0.68 9.93 23.49
C THR B 83 -1.59 11.12 23.33
N THR B 84 -1.08 12.25 22.85
CA THR B 84 -1.90 13.46 22.76
C THR B 84 -3.11 13.25 21.85
N GLY B 85 -2.94 12.49 20.77
CA GLY B 85 -4.02 12.31 19.82
C GLY B 85 -4.80 11.01 19.95
N ASN B 86 -4.70 10.35 21.12
CA ASN B 86 -5.27 9.01 21.24
C ASN B 86 -6.78 9.00 20.98
N HIS B 87 -7.49 10.06 21.35
CA HIS B 87 -8.92 10.12 21.07
C HIS B 87 -9.20 10.01 19.57
N GLU B 88 -8.47 10.80 18.76
CA GLU B 88 -8.64 10.73 17.32
C GLU B 88 -8.17 9.41 16.73
N LEU B 89 -7.31 8.69 17.45
CA LEU B 89 -6.73 7.47 16.93
C LEU B 89 -7.68 6.28 16.97
N ALA B 90 -8.71 6.34 17.81
CA ALA B 90 -9.56 5.18 18.05
C ALA B 90 -10.21 4.64 16.78
N PRO B 91 -10.83 5.44 15.92
CA PRO B 91 -11.42 4.86 14.69
C PRO B 91 -10.39 4.23 13.78
N LEU B 92 -9.15 4.74 13.77
CA LEU B 92 -8.10 4.12 12.97
C LEU B 92 -7.78 2.72 13.48
N ILE B 93 -7.64 2.58 14.81
CA ILE B 93 -7.43 1.26 15.41
C ILE B 93 -8.58 0.34 15.08
N ARG B 94 -9.82 0.83 15.18
CA ARG B 94 -10.98 0.00 14.89
C ARG B 94 -11.01 -0.44 13.43
N ALA B 95 -10.61 0.45 12.52
CA ALA B 95 -10.66 0.12 11.09
C ALA B 95 -9.63 -0.94 10.72
N ALA B 96 -8.49 -0.96 11.39
CA ALA B 96 -7.41 -1.89 11.08
C ALA B 96 -7.48 -3.19 11.87
N ALA B 97 -8.48 -3.34 12.74
CA ALA B 97 -8.49 -4.42 13.72
C ALA B 97 -9.28 -5.62 13.20
N ALA B 98 -8.61 -6.76 13.09
CA ALA B 98 -9.29 -8.02 12.86
C ALA B 98 -10.13 -8.37 14.10
N PRO B 99 -11.08 -9.31 13.96
CA PRO B 99 -11.85 -9.72 15.14
C PRO B 99 -10.92 -10.28 16.22
N GLY B 100 -11.19 -9.85 17.46
CA GLY B 100 -10.37 -10.29 18.58
C GLY B 100 -8.93 -9.87 18.51
N ALA B 101 -8.64 -8.74 17.86
CA ALA B 101 -7.26 -8.31 17.69
C ALA B 101 -6.67 -7.84 19.02
N LYS B 102 -5.34 -7.89 19.10
CA LYS B 102 -4.60 -7.41 20.25
C LYS B 102 -4.11 -6.00 19.94
N VAL B 103 -4.46 -5.05 20.80
CA VAL B 103 -4.07 -3.65 20.66
C VAL B 103 -3.00 -3.35 21.69
N LEU B 104 -1.79 -3.05 21.22
CA LEU B 104 -0.62 -2.86 22.07
C LEU B 104 -0.19 -1.41 22.01
N LEU B 105 -0.36 -0.69 23.13
CA LEU B 105 -0.04 0.74 23.20
C LEU B 105 1.43 0.89 23.58
N LEU B 106 2.27 1.21 22.59
CA LEU B 106 3.68 1.49 22.83
C LEU B 106 3.83 2.96 23.19
N GLN B 107 3.31 3.32 24.37
CA GLN B 107 3.16 4.71 24.75
C GLN B 107 3.50 4.89 26.23
N ASN B 108 4.05 6.06 26.55
CA ASN B 108 4.37 6.43 27.92
C ASN B 108 3.15 6.99 28.63
N GLY B 109 3.27 7.16 29.94
CA GLY B 109 2.26 7.82 30.74
C GLY B 109 1.48 6.85 31.60
N LEU B 110 0.39 7.37 32.17
CA LEU B 110 -0.44 6.65 33.13
C LEU B 110 -1.89 6.72 32.68
N GLY B 111 -2.61 5.60 32.83
CA GLY B 111 -4.01 5.57 32.45
C GLY B 111 -4.27 5.64 30.96
N VAL B 112 -3.27 5.33 30.13
CA VAL B 112 -3.43 5.44 28.69
C VAL B 112 -4.50 4.47 28.19
N GLU B 113 -4.40 3.20 28.60
CA GLU B 113 -5.33 2.19 28.11
C GLU B 113 -6.75 2.47 28.58
N GLU B 114 -6.93 2.84 29.85
CA GLU B 114 -8.27 3.09 30.37
C GLU B 114 -8.94 4.26 29.66
N ARG B 115 -8.16 5.27 29.27
CA ARG B 115 -8.77 6.40 28.56
C ARG B 115 -9.17 6.03 27.13
N LEU B 116 -8.47 5.05 26.54
CA LEU B 116 -8.81 4.59 25.19
C LEU B 116 -9.92 3.56 25.19
N ARG B 117 -10.04 2.79 26.27
CA ARG B 117 -10.94 1.64 26.30
C ARG B 117 -12.39 1.93 25.91
N PRO B 118 -13.03 3.03 26.33
CA PRO B 118 -14.43 3.26 25.91
C PRO B 118 -14.59 3.46 24.42
N LEU B 119 -13.50 3.69 23.68
CA LEU B 119 -13.56 3.94 22.25
C LEU B 119 -13.20 2.72 21.42
N LEU B 120 -12.89 1.59 22.06
CA LEU B 120 -12.58 0.35 21.35
C LEU B 120 -13.63 -0.71 21.65
N PRO B 121 -13.91 -1.60 20.69
CA PRO B 121 -14.81 -2.71 20.99
C PRO B 121 -14.30 -3.52 22.17
N GLU B 122 -15.22 -3.92 23.04
CA GLU B 122 -14.84 -4.76 24.17
C GLU B 122 -14.34 -6.14 23.72
N SER B 123 -14.52 -6.49 22.45
CA SER B 123 -14.01 -7.75 21.92
C SER B 123 -12.53 -7.69 21.56
N LEU B 124 -11.91 -6.52 21.61
CA LEU B 124 -10.48 -6.38 21.38
C LEU B 124 -9.73 -6.49 22.70
N HIS B 125 -8.55 -7.11 22.65
CA HIS B 125 -7.64 -7.14 23.79
C HIS B 125 -6.78 -5.89 23.78
N LEU B 126 -6.79 -5.15 24.89
CA LEU B 126 -6.06 -3.89 25.01
C LEU B 126 -4.91 -4.08 25.98
N LEU B 127 -3.69 -3.83 25.50
CA LEU B 127 -2.48 -4.09 26.27
C LEU B 127 -1.57 -2.86 26.21
N GLY B 128 -0.70 -2.76 27.21
CA GLY B 128 0.31 -1.72 27.25
C GLY B 128 1.68 -2.31 26.95
N GLY B 129 2.45 -1.57 26.16
CA GLY B 129 3.82 -1.94 25.87
C GLY B 129 4.79 -0.89 26.38
N LEU B 130 5.56 -1.24 27.41
CA LEU B 130 6.46 -0.29 28.07
C LEU B 130 7.85 -0.46 27.48
N CYS B 131 8.27 0.50 26.66
CA CYS B 131 9.51 0.40 25.91
C CYS B 131 10.64 1.07 26.68
N PHE B 132 11.73 0.34 26.85
CA PHE B 132 12.94 0.85 27.47
C PHE B 132 13.98 0.90 26.36
N ILE B 133 14.15 2.10 25.79
CA ILE B 133 14.82 2.27 24.50
C ILE B 133 15.19 3.73 24.33
N CYS B 134 16.37 3.99 23.76
CA CYS B 134 16.79 5.31 23.34
C CYS B 134 16.74 5.36 21.81
N VAL B 135 15.74 6.06 21.28
CA VAL B 135 15.48 6.06 19.84
C VAL B 135 14.84 7.40 19.46
N HIS B 136 15.09 7.83 18.24
CA HIS B 136 14.44 9.03 17.72
C HIS B 136 14.44 8.98 16.20
N ARG B 137 13.55 9.78 15.62
CA ARG B 137 13.47 9.90 14.17
C ARG B 137 14.57 10.81 13.67
N GLY B 138 15.29 10.37 12.65
CA GLY B 138 16.25 11.23 12.00
C GLY B 138 15.63 11.91 10.80
N GLU B 139 16.24 11.76 9.63
CA GLU B 139 15.62 12.20 8.40
C GLU B 139 14.37 11.36 8.14
N PRO B 140 13.46 11.84 7.27
CA PRO B 140 12.24 11.07 7.02
C PRO B 140 12.56 9.66 6.54
N GLY B 141 11.88 8.68 7.14
CA GLY B 141 12.14 7.28 6.86
C GLY B 141 13.35 6.71 7.55
N VAL B 142 14.09 7.50 8.33
CA VAL B 142 15.30 7.05 8.99
C VAL B 142 15.05 7.01 10.49
N ILE B 143 15.37 5.89 11.11
CA ILE B 143 15.21 5.67 12.55
C ILE B 143 16.59 5.61 13.17
N GLU B 144 16.84 6.49 14.15
CA GLU B 144 18.13 6.55 14.83
C GLU B 144 17.99 5.89 16.19
N HIS B 145 18.64 4.74 16.36
CA HIS B 145 18.51 3.91 17.56
C HIS B 145 19.85 3.89 18.30
N GLN B 146 19.86 4.44 19.51
CA GLN B 146 21.08 4.58 20.29
C GLN B 146 21.35 3.39 21.20
N ALA B 147 20.33 2.86 21.87
CA ALA B 147 20.57 1.85 22.89
C ALA B 147 19.28 1.13 23.25
N TYR B 148 19.45 -0.06 23.82
CA TYR B 148 18.38 -0.89 24.38
C TYR B 148 17.34 -1.28 23.33
N GLY B 149 16.07 -1.30 23.73
CA GLY B 149 15.02 -1.70 22.80
C GLY B 149 14.01 -2.67 23.37
N GLY B 150 14.19 -3.06 24.63
CA GLY B 150 13.30 -4.03 25.24
C GLY B 150 11.89 -3.48 25.43
N VAL B 151 10.90 -4.34 25.26
CA VAL B 151 9.50 -4.03 25.51
C VAL B 151 8.97 -4.98 26.57
N ASN B 152 8.25 -4.41 27.54
CA ASN B 152 7.55 -5.21 28.54
C ASN B 152 6.05 -5.01 28.35
N LEU B 153 5.31 -6.11 28.30
CA LEU B 153 3.88 -6.10 27.98
C LEU B 153 3.04 -6.36 29.22
N GLY B 154 1.91 -5.69 29.28
CA GLY B 154 0.92 -5.97 30.30
C GLY B 154 -0.47 -5.89 29.72
N TYR B 155 -1.38 -6.64 30.30
CA TYR B 155 -2.76 -6.73 29.84
C TYR B 155 -3.63 -5.75 30.63
N HIS B 156 -4.43 -4.96 29.93
CA HIS B 156 -5.34 -4.04 30.59
C HIS B 156 -6.78 -4.52 30.57
N SER B 157 -7.34 -4.76 29.38
CA SER B 157 -8.76 -5.07 29.31
C SER B 157 -9.06 -5.83 28.02
N GLY B 158 -10.17 -6.56 28.04
CA GLY B 158 -10.59 -7.38 26.94
C GLY B 158 -11.37 -8.59 27.41
N PRO B 159 -11.80 -9.45 26.48
CA PRO B 159 -12.65 -10.58 26.83
C PRO B 159 -11.91 -11.80 27.37
N ALA B 160 -10.61 -11.72 27.59
CA ALA B 160 -9.84 -12.90 27.98
C ALA B 160 -10.04 -13.23 29.45
N ASP B 161 -10.13 -14.52 29.75
CA ASP B 161 -10.04 -14.95 31.14
C ASP B 161 -8.61 -14.78 31.63
N GLU B 162 -8.39 -15.05 32.92
CA GLU B 162 -7.09 -14.76 33.52
C GLU B 162 -5.99 -15.60 32.90
N ARG B 163 -6.25 -16.88 32.64
CA ARG B 163 -5.25 -17.72 31.99
C ARG B 163 -4.99 -17.24 30.57
N ARG B 164 -6.04 -16.86 29.84
CA ARG B 164 -5.86 -16.37 28.49
C ARG B 164 -5.13 -15.03 28.47
N ARG B 165 -5.30 -14.23 29.52
CA ARG B 165 -4.57 -12.95 29.59
C ARG B 165 -3.07 -13.19 29.64
N ARG B 166 -2.62 -14.09 30.52
CA ARG B 166 -1.20 -14.42 30.58
C ARG B 166 -0.71 -14.97 29.24
N GLU B 167 -1.51 -15.83 28.60
CA GLU B 167 -1.13 -16.38 27.31
C GLU B 167 -0.96 -15.28 26.26
N ILE B 168 -1.85 -14.29 26.27
CA ILE B 168 -1.81 -13.24 25.26
C ILE B 168 -0.60 -12.33 25.47
N VAL B 169 -0.28 -12.04 26.73
CA VAL B 169 0.92 -11.25 27.01
C VAL B 169 2.17 -12.03 26.63
N GLU B 170 2.19 -13.34 26.92
CA GLU B 170 3.32 -14.17 26.52
C GLU B 170 3.45 -14.23 25.01
N GLU B 171 2.32 -14.34 24.30
CA GLU B 171 2.36 -14.34 22.84
C GLU B 171 2.97 -13.05 22.33
N GLY B 172 2.65 -11.92 22.96
CA GLY B 172 3.23 -10.66 22.53
C GLY B 172 4.72 -10.58 22.78
N ALA B 173 5.14 -10.91 24.01
CA ALA B 173 6.57 -10.93 24.31
C ALA B 173 7.33 -11.81 23.33
N ALA B 174 6.75 -12.97 23.00
CA ALA B 174 7.37 -13.87 22.02
C ALA B 174 7.63 -13.16 20.70
N LEU B 175 6.65 -12.40 20.21
CA LEU B 175 6.80 -11.69 18.94
C LEU B 175 8.06 -10.83 18.94
N PHE B 176 8.36 -10.18 20.07
CA PHE B 176 9.53 -9.33 20.14
C PHE B 176 10.80 -10.15 20.36
N ARG B 177 10.73 -11.19 21.20
CA ARG B 177 11.88 -12.07 21.39
C ARG B 177 12.25 -12.77 20.09
N GLU B 178 11.25 -13.17 19.30
CA GLU B 178 11.50 -13.65 17.94
C GLU B 178 12.40 -12.70 17.16
N SER B 179 12.24 -11.40 17.39
CA SER B 179 12.86 -10.37 16.57
C SER B 179 14.21 -9.93 17.09
N GLY B 180 14.74 -10.61 18.10
CA GLY B 180 16.01 -10.22 18.68
C GLY B 180 15.92 -9.15 19.75
N LEU B 181 14.75 -8.96 20.37
CA LEU B 181 14.55 -7.97 21.40
C LEU B 181 14.19 -8.64 22.72
N GLU B 182 14.60 -8.03 23.82
CA GLU B 182 14.23 -8.51 25.15
C GLU B 182 12.79 -8.13 25.46
N SER B 183 12.06 -9.05 26.06
CA SER B 183 10.65 -8.81 26.36
C SER B 183 10.21 -9.61 27.57
N THR B 184 9.56 -8.95 28.52
CA THR B 184 9.11 -9.57 29.76
C THR B 184 7.59 -9.44 29.87
N ALA B 185 6.93 -10.55 30.14
CA ALA B 185 5.50 -10.53 30.40
C ALA B 185 5.25 -9.98 31.80
N MET B 186 4.45 -8.92 31.88
CA MET B 186 4.31 -8.37 33.23
C MET B 186 2.94 -8.72 33.80
N PRO B 187 2.85 -9.00 35.11
CA PRO B 187 1.57 -9.35 35.71
C PRO B 187 0.65 -8.18 35.98
N ASP B 188 1.18 -6.96 36.11
CA ASP B 188 0.38 -5.80 36.54
C ASP B 188 0.78 -4.59 35.70
N LEU B 189 -0.05 -4.27 34.70
CA LEU B 189 0.27 -3.17 33.80
C LEU B 189 0.34 -1.84 34.54
N GLU B 190 -0.59 -1.59 35.47
CA GLU B 190 -0.58 -0.30 36.16
C GLU B 190 0.61 -0.17 37.09
N GLN B 191 0.96 -1.25 37.80
CA GLN B 191 2.19 -1.24 38.58
C GLN B 191 3.39 -0.90 37.72
N ALA B 192 3.42 -1.44 36.49
CA ALA B 192 4.54 -1.21 35.61
C ALA B 192 4.55 0.22 35.08
N ARG B 193 3.37 0.80 34.83
CA ARG B 193 3.34 2.17 34.32
C ARG B 193 3.76 3.17 35.38
N TRP B 194 3.42 2.92 36.65
CA TRP B 194 3.91 3.78 37.73
C TRP B 194 5.43 3.73 37.83
N GLN B 195 6.01 2.54 37.69
CA GLN B 195 7.47 2.40 37.72
C GLN B 195 8.11 3.19 36.59
N LYS B 196 7.55 3.09 35.38
CA LYS B 196 8.08 3.81 34.24
C LYS B 196 7.95 5.32 34.41
N LEU B 197 6.93 5.76 35.15
CA LEU B 197 6.79 7.20 35.42
C LEU B 197 7.97 7.75 36.21
N VAL B 198 8.57 6.92 37.07
CA VAL B 198 9.68 7.38 37.90
C VAL B 198 10.83 7.87 37.03
N TRP B 199 10.97 7.32 35.82
CA TRP B 199 11.97 7.84 34.90
C TRP B 199 11.43 8.98 34.02
N ASN B 200 10.25 8.78 33.42
CA ASN B 200 9.80 9.72 32.39
C ASN B 200 9.39 11.06 32.98
N ILE B 201 8.88 11.09 34.21
CA ILE B 201 8.47 12.37 34.80
C ILE B 201 9.65 13.30 35.02
N PRO B 202 10.76 12.88 35.65
CA PRO B 202 11.91 13.80 35.76
C PRO B 202 12.62 14.07 34.45
N TYR B 203 12.97 13.03 33.68
CA TYR B 203 13.88 13.24 32.56
C TYR B 203 13.19 13.93 31.38
N ASN B 204 11.98 13.53 31.04
CA ASN B 204 11.29 14.19 29.93
C ASN B 204 11.09 15.68 30.21
N GLY B 205 10.54 16.02 31.37
CA GLY B 205 10.24 17.40 31.67
C GLY B 205 11.47 18.24 31.88
N LEU B 206 12.43 17.74 32.66
CA LEU B 206 13.64 18.51 32.93
C LEU B 206 14.46 18.72 31.66
N SER B 207 14.45 17.76 30.73
CA SER B 207 15.21 17.92 29.50
C SER B 207 14.70 19.11 28.69
N VAL B 208 13.41 19.39 28.75
CA VAL B 208 12.88 20.61 28.14
C VAL B 208 13.21 21.82 28.98
N LEU B 209 12.84 21.79 30.26
CA LEU B 209 12.99 22.95 31.13
C LEU B 209 14.43 23.43 31.21
N LEU B 210 15.37 22.49 31.36
CA LEU B 210 16.79 22.83 31.50
C LEU B 210 17.55 22.75 30.18
N LYS B 211 16.88 22.38 29.09
CA LYS B 211 17.48 22.30 27.76
C LYS B 211 18.72 21.39 27.77
N SER B 212 18.54 20.17 28.26
CA SER B 212 19.67 19.27 28.44
C SER B 212 19.27 17.84 28.14
N SER B 213 20.21 17.10 27.56
CA SER B 213 20.10 15.65 27.40
C SER B 213 20.44 14.96 28.72
N THR B 214 20.44 13.63 28.71
CA THR B 214 20.56 12.89 29.97
C THR B 214 21.93 13.06 30.60
N ALA B 215 22.99 13.13 29.79
CA ALA B 215 24.34 13.12 30.35
C ALA B 215 24.64 14.37 31.17
N PRO B 216 24.39 15.60 30.68
CA PRO B 216 24.64 16.76 31.55
C PRO B 216 23.74 16.81 32.78
N LEU B 217 22.50 16.30 32.68
CA LEU B 217 21.65 16.23 33.87
C LEU B 217 22.24 15.28 34.90
N MET B 218 22.89 14.21 34.45
CA MET B 218 23.52 13.29 35.39
C MET B 218 24.89 13.76 35.84
N ALA B 219 25.57 14.56 35.01
CA ALA B 219 26.92 15.00 35.36
C ALA B 219 26.93 16.15 36.37
N ASN B 220 25.84 16.92 36.48
CA ASN B 220 25.77 18.03 37.42
C ASN B 220 25.10 17.56 38.71
N ALA B 221 25.72 17.88 39.85
CA ALA B 221 25.25 17.37 41.12
C ALA B 221 23.87 17.91 41.48
N ASP B 222 23.59 19.16 41.10
CA ASP B 222 22.34 19.77 41.53
C ASP B 222 21.16 19.24 40.74
N SER B 223 21.30 19.11 39.42
CA SER B 223 20.22 18.49 38.65
C SER B 223 20.05 17.02 39.02
N ARG B 224 21.14 16.34 39.36
CA ARG B 224 21.01 14.95 39.81
C ARG B 224 20.23 14.87 41.11
N SER B 225 20.46 15.82 42.03
CA SER B 225 19.70 15.85 43.26
C SER B 225 18.23 16.17 42.99
N LEU B 226 17.97 17.03 42.02
CA LEU B 226 16.59 17.39 41.69
C LEU B 226 15.86 16.20 41.08
N ILE B 227 16.52 15.47 40.18
CA ILE B 227 15.91 14.28 39.59
C ILE B 227 15.53 13.29 40.68
N GLU B 228 16.46 13.02 41.61
CA GLU B 228 16.19 12.07 42.68
C GLU B 228 15.00 12.52 43.52
N ALA B 229 14.89 13.81 43.79
CA ALA B 229 13.77 14.30 44.60
C ALA B 229 12.45 14.14 43.86
N ILE B 230 12.43 14.41 42.56
CA ILE B 230 11.25 14.15 41.75
C ILE B 230 10.92 12.67 41.74
N MET B 231 11.96 11.82 41.71
CA MET B 231 11.73 10.37 41.71
C MET B 231 11.04 9.92 42.99
N GLU B 232 11.40 10.50 44.14
CA GLU B 232 10.78 10.09 45.38
C GLU B 232 9.32 10.53 45.47
N GLU B 233 8.99 11.69 44.90
CA GLU B 233 7.59 12.09 44.83
C GLU B 233 6.78 11.08 44.02
N VAL B 234 7.29 10.67 42.87
CA VAL B 234 6.58 9.71 42.04
C VAL B 234 6.49 8.36 42.74
N ILE B 235 7.57 7.95 43.40
CA ILE B 235 7.56 6.70 44.16
C ILE B 235 6.54 6.78 45.29
N GLY B 236 6.52 7.90 46.03
CA GLY B 236 5.57 8.05 47.11
C GLY B 236 4.13 8.10 46.64
N ALA B 237 3.89 8.73 45.47
CA ALA B 237 2.55 8.77 44.93
C ALA B 237 2.07 7.39 44.52
N ALA B 238 2.94 6.61 43.87
CA ALA B 238 2.59 5.24 43.50
C ALA B 238 2.17 4.43 44.71
N GLY B 239 2.91 4.54 45.81
CA GLY B 239 2.55 3.83 47.03
C GLY B 239 1.22 4.28 47.58
N ALA B 240 0.95 5.59 47.53
CA ALA B 240 -0.34 6.09 48.02
C ALA B 240 -1.51 5.54 47.22
N CYS B 241 -1.29 5.19 45.95
CA CYS B 241 -2.32 4.63 45.10
C CYS B 241 -2.31 3.11 45.10
N GLY B 242 -1.52 2.48 45.98
CA GLY B 242 -1.55 1.04 46.16
C GLY B 242 -0.43 0.29 45.50
N PHE B 243 0.49 0.96 44.83
CA PHE B 243 1.57 0.31 44.08
C PHE B 243 2.88 0.68 44.77
N ILE B 244 3.33 -0.19 45.66
CA ILE B 244 4.58 0.04 46.39
C ILE B 244 5.74 -0.40 45.52
N LEU B 245 6.66 0.50 45.28
CA LEU B 245 7.81 0.29 44.41
C LEU B 245 8.99 -0.20 45.22
N PRO B 246 9.99 -0.81 44.59
CA PRO B 246 11.13 -1.35 45.35
C PRO B 246 11.81 -0.29 46.20
N GLU B 247 12.26 -0.71 47.38
CA GLU B 247 13.05 0.18 48.22
C GLU B 247 14.38 0.49 47.53
N GLY B 248 14.81 1.74 47.63
CA GLY B 248 16.01 2.17 46.94
C GLY B 248 15.87 2.25 45.44
N TYR B 249 14.64 2.37 44.93
CA TYR B 249 14.41 2.30 43.49
C TYR B 249 14.99 3.53 42.79
N ALA B 250 14.95 4.69 43.43
CA ALA B 250 15.53 5.88 42.83
C ALA B 250 17.02 5.69 42.56
N ASP B 251 17.76 5.22 43.58
CA ASP B 251 19.18 4.94 43.42
C ASP B 251 19.44 3.99 42.27
N GLN B 252 18.60 2.96 42.12
CA GLN B 252 18.80 1.98 41.05
C GLN B 252 18.52 2.57 39.68
N LEU B 253 17.52 3.45 39.58
CA LEU B 253 17.18 4.05 38.30
C LEU B 253 18.21 5.10 37.90
N LEU B 254 18.76 5.83 38.88
CA LEU B 254 19.83 6.78 38.58
C LEU B 254 21.08 6.04 38.12
N ALA B 255 21.40 4.91 38.75
CA ALA B 255 22.55 4.12 38.33
C ALA B 255 22.41 3.67 36.89
N ALA B 256 21.21 3.23 36.48
CA ALA B 256 21.01 2.79 35.11
C ALA B 256 21.17 3.93 34.12
N THR B 257 20.73 5.13 34.50
CA THR B 257 20.84 6.28 33.60
C THR B 257 22.28 6.76 33.46
N GLU B 258 23.15 6.47 34.44
CA GLU B 258 24.56 6.82 34.30
C GLU B 258 25.19 6.07 33.12
N ARG B 259 24.89 4.78 32.99
CA ARG B 259 25.41 3.97 31.90
C ARG B 259 24.71 4.24 30.58
N MET B 260 23.68 5.07 30.60
CA MET B 260 22.94 5.40 29.38
C MET B 260 23.77 6.32 28.50
N PRO B 261 23.71 6.16 27.18
CA PRO B 261 24.33 7.16 26.30
C PRO B 261 23.60 8.48 26.39
N ASP B 262 24.29 9.54 25.97
CA ASP B 262 23.71 10.89 26.00
C ASP B 262 22.44 10.93 25.16
N TYR B 263 21.28 11.04 25.81
CA TYR B 263 19.99 10.80 25.17
C TYR B 263 19.06 11.99 25.33
N ARG B 264 18.44 12.40 24.23
CA ARG B 264 17.36 13.38 24.27
C ARG B 264 16.03 12.67 24.41
N PRO B 265 15.26 12.92 25.46
CA PRO B 265 13.95 12.27 25.60
C PRO B 265 12.98 12.77 24.53
N SER B 266 11.93 11.98 24.32
CA SER B 266 10.95 12.29 23.28
C SER B 266 10.36 13.68 23.47
N MET B 267 10.13 14.08 24.72
CA MET B 267 9.57 15.40 24.99
C MET B 267 10.53 16.51 24.56
N TYR B 268 11.84 16.28 24.70
CA TYR B 268 12.83 17.23 24.20
C TYR B 268 12.65 17.45 22.71
N HIS B 269 12.50 16.36 21.95
CA HIS B 269 12.30 16.48 20.51
C HIS B 269 11.00 17.22 20.20
N ASP B 270 9.94 16.91 20.95
CA ASP B 270 8.65 17.55 20.72
C ASP B 270 8.75 19.06 20.88
N PHE B 271 9.36 19.52 21.97
CA PHE B 271 9.49 20.95 22.19
C PHE B 271 10.35 21.61 21.10
N ALA B 272 11.46 20.96 20.74
CA ALA B 272 12.34 21.54 19.73
C ALA B 272 11.64 21.67 18.37
N HIS B 273 10.68 20.81 18.08
CA HIS B 273 9.94 20.86 16.83
C HIS B 273 8.60 21.57 16.97
N GLY B 274 8.32 22.16 18.13
CA GLY B 274 7.05 22.83 18.32
C GLY B 274 5.84 21.93 18.35
N ARG B 275 6.04 20.61 18.50
CA ARG B 275 4.92 19.70 18.66
C ARG B 275 4.41 19.76 20.10
N PRO B 276 3.13 19.50 20.33
CA PRO B 276 2.60 19.48 21.70
C PRO B 276 3.21 18.36 22.53
N LEU B 277 3.47 18.67 23.80
CA LEU B 277 4.08 17.72 24.72
C LEU B 277 3.03 16.82 25.36
N GLU B 278 3.44 15.60 25.71
CA GLU B 278 2.53 14.62 26.30
C GLU B 278 2.28 14.91 27.77
N LEU B 279 1.84 16.13 28.09
CA LEU B 279 1.67 16.51 29.49
C LEU B 279 0.51 15.77 30.14
N ALA B 280 -0.57 15.53 29.39
CA ALA B 280 -1.76 14.92 29.97
C ALA B 280 -1.45 13.53 30.53
N ALA B 281 -0.81 12.68 29.73
CA ALA B 281 -0.59 11.30 30.15
C ALA B 281 0.55 11.19 31.16
N ILE B 282 1.59 12.02 31.02
CA ILE B 282 2.77 11.87 31.85
C ILE B 282 2.69 12.70 33.13
N TYR B 283 2.01 13.83 33.10
CA TYR B 283 1.92 14.69 34.29
C TYR B 283 0.50 14.80 34.85
N ALA B 284 -0.48 15.19 34.03
CA ALA B 284 -1.80 15.47 34.55
C ALA B 284 -2.44 14.23 35.18
N ALA B 285 -2.24 13.06 34.57
CA ALA B 285 -2.90 11.86 35.09
C ALA B 285 -2.33 11.41 36.42
N PRO B 286 -1.01 11.26 36.61
CA PRO B 286 -0.52 10.92 37.97
C PRO B 286 -0.79 12.00 39.00
N LEU B 287 -0.75 13.28 38.62
CA LEU B 287 -1.10 14.32 39.58
C LEU B 287 -2.53 14.17 40.05
N ALA B 288 -3.44 13.79 39.14
CA ALA B 288 -4.83 13.57 39.53
C ALA B 288 -4.97 12.33 40.42
N ARG B 289 -4.33 11.23 40.03
CA ARG B 289 -4.38 10.02 40.85
C ARG B 289 -3.80 10.27 42.24
N ALA B 290 -2.71 11.04 42.31
CA ALA B 290 -2.13 11.37 43.61
C ALA B 290 -3.08 12.23 44.44
N ALA B 291 -3.72 13.22 43.80
CA ALA B 291 -4.65 14.08 44.51
C ALA B 291 -5.83 13.29 45.05
N ALA B 292 -6.37 12.37 44.24
CA ALA B 292 -7.49 11.55 44.69
C ALA B 292 -7.09 10.66 45.85
N ALA B 293 -5.81 10.31 45.95
CA ALA B 293 -5.30 9.51 47.05
C ALA B 293 -4.77 10.36 48.21
N GLY B 294 -4.91 11.68 48.14
CA GLY B 294 -4.45 12.55 49.21
C GLY B 294 -2.96 12.68 49.34
N TYR B 295 -2.22 12.49 48.24
CA TYR B 295 -0.77 12.58 48.23
C TYR B 295 -0.36 13.72 47.29
N ARG B 296 0.47 14.63 47.79
CA ARG B 296 0.88 15.78 47.01
C ARG B 296 2.29 15.56 46.43
N MET B 297 2.45 15.94 45.17
CA MET B 297 3.73 15.90 44.47
C MET B 297 4.09 17.32 44.07
N PRO B 298 4.51 18.15 45.04
CA PRO B 298 4.73 19.57 44.72
C PRO B 298 5.74 19.80 43.60
N ARG B 299 6.88 19.12 43.65
CA ARG B 299 7.90 19.29 42.61
C ARG B 299 7.34 18.90 41.24
N VAL B 300 6.65 17.76 41.16
CA VAL B 300 6.06 17.34 39.90
C VAL B 300 5.00 18.34 39.44
N GLU B 301 4.14 18.77 40.37
CA GLU B 301 3.13 19.77 40.05
C GLU B 301 3.75 21.04 39.51
N ALA B 302 4.84 21.50 40.14
CA ALA B 302 5.51 22.72 39.69
C ALA B 302 6.17 22.52 38.33
N LEU B 303 6.69 21.33 38.05
CA LEU B 303 7.30 21.07 36.75
C LEU B 303 6.26 21.07 35.64
N HIS B 304 5.10 20.48 35.89
CA HIS B 304 4.01 20.52 34.92
C HIS B 304 3.63 21.96 34.59
N GLN B 305 3.51 22.81 35.63
CA GLN B 305 3.17 24.20 35.42
C GLN B 305 4.23 24.91 34.58
N ALA B 306 5.50 24.66 34.87
CA ALA B 306 6.58 25.24 34.07
C ALA B 306 6.50 24.79 32.62
N LEU B 307 6.24 23.49 32.41
CA LEU B 307 6.12 22.98 31.04
C LEU B 307 4.94 23.61 30.32
N ARG B 308 3.82 23.79 31.03
CA ARG B 308 2.66 24.43 30.43
C ARG B 308 2.95 25.88 30.08
N PHE B 309 3.67 26.58 30.97
CA PHE B 309 4.08 27.96 30.68
C PHE B 309 4.94 28.00 29.41
N LEU B 310 5.94 27.12 29.32
CA LEU B 310 6.84 27.12 28.18
C LEU B 310 6.09 26.84 26.88
N GLU B 311 5.09 25.96 26.92
CA GLU B 311 4.32 25.64 25.72
C GLU B 311 3.52 26.85 25.24
N ALA B 312 3.03 27.66 26.17
CA ALA B 312 2.25 28.84 25.82
C ALA B 312 3.11 30.02 25.38
N GLN B 313 4.42 29.97 25.59
CA GLN B 313 5.22 31.14 25.24
C GLN B 313 5.56 31.12 23.76
N PRO B 314 5.77 32.30 23.15
CA PRO B 314 6.13 32.40 21.73
C PRO B 314 7.61 32.14 21.50
N MET C 1 6.12 -1.30 -6.26
CA MET C 1 7.13 -0.25 -6.12
C MET C 1 8.44 -0.63 -6.81
N ASP C 2 9.23 0.39 -7.16
CA ASP C 2 10.49 0.17 -7.87
C ASP C 2 11.53 -0.53 -6.98
N SER C 3 11.37 -0.47 -5.67
CA SER C 3 12.34 -1.08 -4.77
C SER C 3 12.16 -2.59 -4.63
N LYS C 4 11.10 -3.16 -5.19
CA LYS C 4 10.91 -4.60 -5.14
C LYS C 4 11.87 -5.27 -6.12
N GLN C 5 12.73 -6.14 -5.60
CA GLN C 5 13.70 -6.82 -6.45
C GLN C 5 13.00 -8.02 -7.09
N GLN C 6 12.64 -7.86 -8.36
CA GLN C 6 11.77 -8.78 -9.09
C GLN C 6 12.32 -8.99 -10.50
N ARG C 7 13.60 -9.30 -10.60
CA ARG C 7 14.22 -9.60 -11.88
C ARG C 7 13.85 -11.02 -12.29
N ILE C 8 13.41 -11.19 -13.54
CA ILE C 8 12.90 -12.46 -14.03
C ILE C 8 13.87 -13.02 -15.05
N GLY C 9 14.21 -14.30 -14.89
CA GLY C 9 14.97 -15.04 -15.89
C GLY C 9 14.11 -16.18 -16.44
N VAL C 10 14.20 -16.38 -17.74
CA VAL C 10 13.49 -17.46 -18.43
C VAL C 10 14.52 -18.50 -18.81
N ILE C 11 14.42 -19.69 -18.21
CA ILE C 11 15.36 -20.78 -18.46
C ILE C 11 14.68 -21.76 -19.41
N GLY C 12 15.02 -21.65 -20.70
CA GLY C 12 14.36 -22.43 -21.72
C GLY C 12 13.28 -21.63 -22.42
N THR C 13 13.66 -20.92 -23.48
CA THR C 13 12.76 -19.96 -24.13
C THR C 13 12.18 -20.58 -25.40
N GLY C 14 11.22 -21.47 -25.19
CA GLY C 14 10.46 -22.07 -26.28
C GLY C 14 9.09 -21.44 -26.41
N ALA C 15 8.09 -22.28 -26.71
CA ALA C 15 6.72 -21.80 -26.78
C ALA C 15 6.26 -21.23 -25.45
N ILE C 16 6.41 -22.01 -24.38
CA ILE C 16 5.95 -21.59 -23.07
C ILE C 16 6.84 -20.48 -22.52
N GLY C 17 8.16 -20.71 -22.51
CA GLY C 17 9.07 -19.72 -21.97
C GLY C 17 9.03 -18.41 -22.74
N GLY C 18 8.92 -18.50 -24.07
CA GLY C 18 8.80 -17.29 -24.86
C GLY C 18 7.53 -16.52 -24.54
N PHE C 19 6.39 -17.23 -24.48
CA PHE C 19 5.11 -16.55 -24.27
C PHE C 19 5.08 -15.79 -22.95
N TYR C 20 5.31 -16.50 -21.84
CA TYR C 20 5.19 -15.88 -20.53
C TYR C 20 6.29 -14.87 -20.30
N GLY C 21 7.50 -15.15 -20.78
CA GLY C 21 8.55 -14.15 -20.72
C GLY C 21 8.19 -12.90 -21.50
N LEU C 22 7.67 -13.07 -22.72
CA LEU C 22 7.29 -11.91 -23.53
C LEU C 22 6.15 -11.14 -22.88
N MET C 23 5.15 -11.85 -22.34
CA MET C 23 4.03 -11.17 -21.70
C MET C 23 4.50 -10.34 -20.51
N LEU C 24 5.34 -10.92 -19.66
CA LEU C 24 5.85 -10.18 -18.50
C LEU C 24 6.68 -8.98 -18.93
N ALA C 25 7.57 -9.16 -19.91
CA ALA C 25 8.40 -8.04 -20.37
C ALA C 25 7.54 -6.94 -20.97
N HIS C 26 6.55 -7.31 -21.77
CA HIS C 26 5.69 -6.32 -22.42
C HIS C 26 4.95 -5.47 -21.41
N ALA C 27 4.75 -5.96 -20.20
CA ALA C 27 4.07 -5.21 -19.15
C ALA C 27 5.05 -4.47 -18.24
N GLY C 28 6.31 -4.35 -18.65
CA GLY C 28 7.26 -3.53 -17.93
C GLY C 28 8.22 -4.28 -17.03
N HIS C 29 8.13 -5.60 -16.95
CA HIS C 29 9.04 -6.34 -16.10
C HIS C 29 10.40 -6.50 -16.78
N ASP C 30 11.41 -6.72 -15.96
CA ASP C 30 12.78 -6.93 -16.42
C ASP C 30 12.98 -8.43 -16.62
N VAL C 31 12.96 -8.87 -17.88
CA VAL C 31 12.99 -10.29 -18.22
C VAL C 31 14.28 -10.58 -18.98
N HIS C 32 14.98 -11.64 -18.58
CA HIS C 32 16.22 -12.06 -19.22
C HIS C 32 16.05 -13.49 -19.70
N PHE C 33 16.34 -13.71 -20.98
CA PHE C 33 15.99 -14.94 -21.69
C PHE C 33 17.24 -15.77 -21.93
N LEU C 34 17.24 -17.00 -21.42
CA LEU C 34 18.24 -17.98 -21.80
C LEU C 34 17.69 -18.78 -22.99
N LEU C 35 18.39 -18.72 -24.11
CA LEU C 35 18.02 -19.41 -25.33
C LEU C 35 19.08 -20.45 -25.67
N ARG C 36 18.76 -21.33 -26.62
CA ARG C 36 19.76 -22.28 -27.08
C ARG C 36 19.91 -22.24 -28.59
N SER C 37 19.18 -23.10 -29.31
CA SER C 37 19.36 -23.18 -30.76
C SER C 37 18.89 -21.92 -31.47
N GLU C 38 18.00 -21.14 -30.86
CA GLU C 38 17.48 -19.92 -31.47
C GLU C 38 18.06 -18.66 -30.84
N PHE C 39 19.18 -18.77 -30.14
CA PHE C 39 19.81 -17.58 -29.56
C PHE C 39 20.19 -16.59 -30.65
N GLU C 40 20.86 -17.07 -31.70
CA GLU C 40 21.29 -16.19 -32.79
C GLU C 40 20.13 -15.39 -33.36
N ALA C 41 19.03 -16.07 -33.68
CA ALA C 41 17.88 -15.39 -34.28
C ALA C 41 17.29 -14.36 -33.33
N VAL C 42 16.99 -14.78 -32.10
CA VAL C 42 16.31 -13.89 -31.15
C VAL C 42 17.21 -12.74 -30.74
N ASN C 43 18.50 -13.04 -30.47
CA ASN C 43 19.44 -11.99 -30.09
C ASN C 43 19.48 -10.88 -31.13
N ARG C 44 19.26 -11.21 -32.39
CA ARG C 44 19.37 -10.26 -33.49
C ARG C 44 18.03 -9.59 -33.80
N ALA C 45 16.98 -10.37 -34.01
CA ALA C 45 15.69 -9.84 -34.44
C ALA C 45 14.62 -9.86 -33.36
N GLY C 46 14.91 -10.39 -32.18
CA GLY C 46 13.97 -10.37 -31.08
C GLY C 46 12.94 -11.48 -31.16
N LEU C 47 11.91 -11.35 -30.35
CA LEU C 47 10.82 -12.31 -30.27
C LEU C 47 9.52 -11.68 -30.76
N SER C 48 8.72 -12.47 -31.47
CA SER C 48 7.41 -12.05 -31.94
C SER C 48 6.36 -13.01 -31.43
N LEU C 49 5.15 -12.49 -31.20
CA LEU C 49 4.02 -13.28 -30.75
C LEU C 49 2.84 -13.01 -31.68
N ASN C 50 2.34 -14.07 -32.32
CA ASN C 50 1.05 -14.04 -32.99
C ASN C 50 0.02 -14.60 -32.02
N SER C 51 -0.84 -13.74 -31.49
CA SER C 51 -1.77 -14.15 -30.44
C SER C 51 -3.20 -13.80 -30.85
N ALA C 52 -4.07 -14.81 -30.82
CA ALA C 52 -5.50 -14.55 -30.99
C ALA C 52 -6.10 -13.81 -29.81
N VAL C 53 -5.45 -13.87 -28.65
CA VAL C 53 -5.96 -13.24 -27.44
C VAL C 53 -5.37 -11.84 -27.24
N HIS C 54 -4.06 -11.72 -27.39
CA HIS C 54 -3.36 -10.48 -27.08
C HIS C 54 -2.88 -9.74 -28.31
N GLY C 55 -3.19 -10.22 -29.51
CA GLY C 55 -2.75 -9.56 -30.73
C GLY C 55 -1.27 -9.81 -30.99
N PHE C 56 -0.78 -9.14 -32.03
CA PHE C 56 0.63 -9.23 -32.38
C PHE C 56 1.45 -8.38 -31.43
N ARG C 57 2.51 -8.98 -30.87
CA ARG C 57 3.45 -8.27 -30.03
C ARG C 57 4.86 -8.62 -30.47
N ARG C 58 5.75 -7.64 -30.37
CA ARG C 58 7.15 -7.83 -30.71
C ARG C 58 8.01 -7.31 -29.57
N LEU C 59 8.96 -8.12 -29.13
CA LEU C 59 9.94 -7.74 -28.13
C LEU C 59 11.28 -7.63 -28.84
N ALA C 60 11.77 -6.41 -28.99
CA ALA C 60 13.04 -6.16 -29.68
C ALA C 60 13.57 -4.79 -29.27
N PRO C 61 14.80 -4.71 -28.72
CA PRO C 61 15.66 -5.88 -28.57
C PRO C 61 15.29 -6.72 -27.35
N VAL C 62 15.75 -7.96 -27.34
CA VAL C 62 15.52 -8.89 -26.25
C VAL C 62 16.80 -9.01 -25.45
N GLN C 63 16.68 -9.00 -24.12
CA GLN C 63 17.81 -9.35 -23.29
C GLN C 63 18.04 -10.85 -23.40
N ALA C 64 18.86 -11.25 -24.36
CA ALA C 64 19.04 -12.65 -24.74
C ALA C 64 20.40 -13.15 -24.29
N TYR C 65 20.44 -14.42 -23.89
CA TYR C 65 21.66 -15.05 -23.41
C TYR C 65 21.72 -16.48 -23.95
N HIS C 66 22.93 -16.94 -24.23
CA HIS C 66 23.14 -18.33 -24.62
C HIS C 66 23.78 -19.15 -23.51
N SER C 67 24.20 -18.53 -22.41
CA SER C 67 24.80 -19.24 -21.29
C SER C 67 24.24 -18.68 -19.98
N ALA C 68 23.83 -19.59 -19.08
CA ALA C 68 23.24 -19.18 -17.82
C ALA C 68 24.21 -18.39 -16.97
N GLN C 69 25.52 -18.66 -17.10
CA GLN C 69 26.54 -17.95 -16.34
C GLN C 69 26.64 -16.48 -16.71
N ASP C 70 26.11 -16.08 -17.86
CA ASP C 70 26.14 -14.70 -18.31
C ASP C 70 24.95 -13.88 -17.81
N MET C 71 23.92 -14.53 -17.27
CA MET C 71 22.71 -13.84 -16.86
C MET C 71 22.93 -13.10 -15.53
N PRO C 72 22.26 -11.97 -15.34
CA PRO C 72 22.26 -11.34 -14.02
C PRO C 72 21.50 -12.18 -13.02
N PRO C 73 21.76 -12.02 -11.72
CA PRO C 73 21.02 -12.79 -10.71
C PRO C 73 19.55 -12.41 -10.70
N CYS C 74 18.68 -13.40 -10.87
CA CYS C 74 17.25 -13.18 -11.04
C CYS C 74 16.49 -13.68 -9.82
N ASP C 75 15.38 -13.01 -9.51
CA ASP C 75 14.57 -13.34 -8.34
C ASP C 75 13.46 -14.34 -8.65
N TRP C 76 12.96 -14.34 -9.89
CA TRP C 76 12.10 -15.40 -10.37
C TRP C 76 12.77 -16.05 -11.57
N LEU C 77 12.77 -17.38 -11.59
CA LEU C 77 13.31 -18.14 -12.70
C LEU C 77 12.18 -18.99 -13.27
N LEU C 78 11.70 -18.62 -14.44
CA LEU C 78 10.64 -19.37 -15.12
C LEU C 78 11.30 -20.43 -15.98
N VAL C 79 11.03 -21.69 -15.66
CA VAL C 79 11.61 -22.82 -16.38
C VAL C 79 10.62 -23.23 -17.44
N GLY C 80 10.96 -22.94 -18.70
CA GLY C 80 10.14 -23.32 -19.84
C GLY C 80 10.70 -24.45 -20.67
N ALA C 81 11.77 -25.11 -20.22
CA ALA C 81 12.24 -26.29 -20.92
C ALA C 81 11.25 -27.43 -20.73
N LYS C 82 11.38 -28.44 -21.59
CA LYS C 82 10.64 -29.66 -21.39
C LYS C 82 11.16 -30.37 -20.15
N THR C 83 10.31 -31.24 -19.58
CA THR C 83 10.71 -31.98 -18.39
C THR C 83 11.84 -32.96 -18.68
N THR C 84 12.05 -33.31 -19.95
CA THR C 84 13.13 -34.22 -20.31
C THR C 84 14.51 -33.64 -20.03
N GLY C 85 14.62 -32.31 -19.96
CA GLY C 85 15.89 -31.66 -19.70
C GLY C 85 16.08 -31.17 -18.28
N ASN C 86 15.20 -31.54 -17.35
CA ASN C 86 15.24 -30.94 -16.02
C ASN C 86 16.52 -31.27 -15.26
N HIS C 87 17.08 -32.46 -15.46
CA HIS C 87 18.32 -32.79 -14.75
C HIS C 87 19.45 -31.86 -15.19
N GLU C 88 19.62 -31.69 -16.50
CA GLU C 88 20.67 -30.82 -17.01
C GLU C 88 20.40 -29.35 -16.70
N LEU C 89 19.16 -29.00 -16.34
CA LEU C 89 18.83 -27.60 -16.12
C LEU C 89 19.25 -27.09 -14.75
N ALA C 90 19.45 -27.98 -13.78
CA ALA C 90 19.70 -27.54 -12.41
C ALA C 90 20.91 -26.64 -12.27
N PRO C 91 22.09 -26.95 -12.83
CA PRO C 91 23.21 -25.99 -12.74
C PRO C 91 22.91 -24.67 -13.45
N LEU C 92 22.05 -24.68 -14.46
CA LEU C 92 21.69 -23.44 -15.13
C LEU C 92 20.82 -22.57 -14.23
N ILE C 93 19.86 -23.19 -13.54
CA ILE C 93 19.04 -22.48 -12.56
C ILE C 93 19.91 -21.91 -11.45
N ARG C 94 20.85 -22.72 -10.94
CA ARG C 94 21.73 -22.26 -9.88
C ARG C 94 22.56 -21.05 -10.30
N ALA C 95 23.11 -21.08 -11.52
CA ALA C 95 23.94 -19.99 -12.00
C ALA C 95 23.15 -18.69 -12.11
N ALA C 96 21.90 -18.78 -12.56
CA ALA C 96 21.08 -17.60 -12.80
C ALA C 96 20.36 -17.09 -11.57
N ALA C 97 20.42 -17.81 -10.45
CA ALA C 97 19.59 -17.52 -9.30
C ALA C 97 20.24 -16.50 -8.38
N ALA C 98 19.51 -15.43 -8.08
CA ALA C 98 19.86 -14.56 -6.98
C ALA C 98 19.63 -15.30 -5.66
N PRO C 99 20.21 -14.81 -4.56
CA PRO C 99 19.94 -15.45 -3.27
C PRO C 99 18.45 -15.48 -2.98
N GLY C 100 17.98 -16.64 -2.54
CA GLY C 100 16.57 -16.81 -2.20
C GLY C 100 15.64 -16.72 -3.39
N ALA C 101 16.11 -16.99 -4.60
CA ALA C 101 15.27 -16.87 -5.78
C ALA C 101 14.14 -17.89 -5.76
N LYS C 102 13.13 -17.64 -6.58
CA LYS C 102 11.96 -18.49 -6.71
C LYS C 102 12.02 -19.19 -8.06
N VAL C 103 11.99 -20.53 -8.05
CA VAL C 103 12.05 -21.34 -9.26
C VAL C 103 10.65 -21.82 -9.58
N LEU C 104 10.14 -21.44 -10.75
CA LEU C 104 8.77 -21.75 -11.16
C LEU C 104 8.80 -22.64 -12.39
N LEU C 105 8.32 -23.88 -12.26
CA LEU C 105 8.37 -24.87 -13.33
C LEU C 105 7.11 -24.76 -14.17
N LEU C 106 7.23 -24.21 -15.38
CA LEU C 106 6.12 -24.11 -16.31
C LEU C 106 6.05 -25.38 -17.16
N GLN C 107 5.73 -26.49 -16.49
CA GLN C 107 5.87 -27.81 -17.08
C GLN C 107 4.69 -28.70 -16.71
N ASN C 108 4.31 -29.57 -17.65
CA ASN C 108 3.32 -30.59 -17.41
C ASN C 108 3.93 -31.76 -16.65
N GLY C 109 3.07 -32.70 -16.23
CA GLY C 109 3.52 -33.93 -15.63
C GLY C 109 3.16 -34.03 -14.16
N LEU C 110 3.63 -35.12 -13.55
CA LEU C 110 3.43 -35.42 -12.15
C LEU C 110 4.78 -35.65 -11.48
N GLY C 111 4.92 -35.17 -10.25
CA GLY C 111 6.15 -35.36 -9.51
C GLY C 111 7.34 -34.61 -10.04
N VAL C 112 7.12 -33.57 -10.86
CA VAL C 112 8.22 -32.90 -11.54
C VAL C 112 9.06 -32.09 -10.56
N GLU C 113 8.40 -31.37 -9.65
CA GLU C 113 9.12 -30.62 -8.63
C GLU C 113 9.97 -31.55 -7.77
N GLU C 114 9.40 -32.69 -7.39
CA GLU C 114 10.08 -33.62 -6.49
C GLU C 114 11.36 -34.17 -7.11
N ARG C 115 11.34 -34.43 -8.41
CA ARG C 115 12.52 -34.98 -9.07
C ARG C 115 13.61 -33.95 -9.30
N LEU C 116 13.26 -32.66 -9.35
CA LEU C 116 14.24 -31.59 -9.51
C LEU C 116 14.84 -31.14 -8.19
N ARG C 117 14.03 -31.18 -7.12
CA ARG C 117 14.41 -30.63 -5.82
C ARG C 117 15.80 -31.04 -5.32
N PRO C 118 16.21 -32.31 -5.39
CA PRO C 118 17.52 -32.66 -4.80
C PRO C 118 18.69 -31.96 -5.45
N LEU C 119 18.52 -31.40 -6.64
CA LEU C 119 19.60 -30.75 -7.37
C LEU C 119 19.61 -29.24 -7.17
N LEU C 120 18.65 -28.68 -6.44
CA LEU C 120 18.56 -27.25 -6.22
C LEU C 120 18.93 -26.92 -4.78
N PRO C 121 19.79 -25.93 -4.54
CA PRO C 121 20.18 -25.59 -3.17
C PRO C 121 18.96 -25.30 -2.30
N GLU C 122 19.08 -25.66 -1.02
CA GLU C 122 17.96 -25.54 -0.08
C GLU C 122 17.45 -24.11 0.01
N SER C 123 18.29 -23.12 -0.30
CA SER C 123 17.92 -21.72 -0.18
C SER C 123 17.01 -21.24 -1.29
N LEU C 124 16.74 -22.06 -2.29
CA LEU C 124 15.88 -21.68 -3.41
C LEU C 124 14.48 -22.27 -3.23
N HIS C 125 13.47 -21.44 -3.48
CA HIS C 125 12.09 -21.92 -3.47
C HIS C 125 11.76 -22.59 -4.78
N LEU C 126 10.97 -23.65 -4.72
CA LEU C 126 10.59 -24.43 -5.90
C LEU C 126 9.08 -24.44 -6.01
N LEU C 127 8.57 -23.98 -7.16
CA LEU C 127 7.14 -23.83 -7.37
C LEU C 127 6.75 -24.47 -8.70
N GLY C 128 5.48 -24.81 -8.81
CA GLY C 128 4.91 -25.37 -10.03
C GLY C 128 4.00 -24.37 -10.72
N GLY C 129 4.14 -24.26 -12.03
CA GLY C 129 3.29 -23.39 -12.81
C GLY C 129 2.51 -24.16 -13.85
N LEU C 130 1.25 -24.48 -13.54
CA LEU C 130 0.39 -25.23 -14.47
C LEU C 130 -0.23 -24.24 -15.45
N CYS C 131 0.17 -24.35 -16.71
CA CYS C 131 -0.26 -23.45 -17.76
C CYS C 131 -1.38 -24.08 -18.56
N PHE C 132 -2.46 -23.31 -18.76
CA PHE C 132 -3.62 -23.75 -19.53
C PHE C 132 -3.65 -22.85 -20.77
N ILE C 133 -3.04 -23.33 -21.85
CA ILE C 133 -2.73 -22.47 -22.99
C ILE C 133 -2.49 -23.35 -24.21
N CYS C 134 -2.99 -22.88 -25.36
CA CYS C 134 -2.68 -23.46 -26.67
C CYS C 134 -1.62 -22.59 -27.32
N VAL C 135 -0.37 -23.05 -27.30
CA VAL C 135 0.75 -22.29 -27.83
C VAL C 135 1.76 -23.26 -28.41
N HIS C 136 2.48 -22.81 -29.44
CA HIS C 136 3.57 -23.57 -30.01
C HIS C 136 4.52 -22.62 -30.71
N ARG C 137 5.74 -23.07 -30.91
CA ARG C 137 6.72 -22.29 -31.67
C ARG C 137 6.37 -22.35 -33.15
N GLY C 138 6.39 -21.19 -33.80
CA GLY C 138 6.23 -21.14 -35.24
C GLY C 138 7.59 -21.11 -35.92
N GLU C 139 7.78 -20.17 -36.83
CA GLU C 139 9.11 -19.90 -37.35
C GLU C 139 10.03 -19.48 -36.18
N PRO C 140 11.34 -19.55 -36.37
CA PRO C 140 12.26 -19.16 -35.29
C PRO C 140 11.97 -17.75 -34.81
N GLY C 141 11.86 -17.60 -33.50
CA GLY C 141 11.54 -16.33 -32.89
C GLY C 141 10.06 -15.96 -32.90
N VAL C 142 9.20 -16.81 -33.45
CA VAL C 142 7.78 -16.53 -33.55
C VAL C 142 7.02 -17.50 -32.65
N ILE C 143 6.15 -16.96 -31.80
CA ILE C 143 5.33 -17.73 -30.88
C ILE C 143 3.89 -17.69 -31.38
N GLU C 144 3.30 -18.86 -31.59
CA GLU C 144 1.94 -18.98 -32.11
C GLU C 144 1.01 -19.32 -30.96
N HIS C 145 0.28 -18.31 -30.49
CA HIS C 145 -0.65 -18.46 -29.36
C HIS C 145 -2.07 -18.47 -29.90
N GLN C 146 -2.75 -19.60 -29.75
CA GLN C 146 -4.09 -19.76 -30.30
C GLN C 146 -5.19 -19.39 -29.31
N ALA C 147 -5.00 -19.67 -28.03
CA ALA C 147 -6.07 -19.45 -27.06
C ALA C 147 -5.54 -19.64 -25.64
N TYR C 148 -6.32 -19.14 -24.69
CA TYR C 148 -6.11 -19.29 -23.23
C TYR C 148 -4.80 -18.61 -22.84
N GLY C 149 -4.08 -19.13 -21.84
CA GLY C 149 -2.86 -18.49 -21.41
C GLY C 149 -2.68 -18.42 -19.90
N GLY C 150 -3.75 -18.72 -19.16
CA GLY C 150 -3.67 -18.66 -17.71
C GLY C 150 -2.68 -19.66 -17.15
N VAL C 151 -2.04 -19.27 -16.04
CA VAL C 151 -1.08 -20.12 -15.35
C VAL C 151 -1.36 -20.04 -13.85
N ASN C 152 -1.48 -21.20 -13.22
CA ASN C 152 -1.77 -21.28 -11.79
C ASN C 152 -0.53 -21.75 -11.05
N LEU C 153 -0.25 -21.11 -9.93
CA LEU C 153 0.99 -21.31 -9.20
C LEU C 153 0.74 -22.13 -7.93
N GLY C 154 1.70 -23.00 -7.61
CA GLY C 154 1.64 -23.79 -6.40
C GLY C 154 3.01 -23.93 -5.77
N TYR C 155 3.09 -23.82 -4.45
CA TYR C 155 4.36 -23.90 -3.74
C TYR C 155 4.68 -25.36 -3.43
N HIS C 156 5.87 -25.80 -3.83
CA HIS C 156 6.28 -27.17 -3.54
C HIS C 156 7.20 -27.27 -2.33
N SER C 157 8.29 -26.52 -2.31
CA SER C 157 9.30 -26.70 -1.27
C SER C 157 10.20 -25.48 -1.24
N GLY C 158 10.86 -25.30 -0.10
CA GLY C 158 11.76 -24.18 0.09
C GLY C 158 11.81 -23.74 1.54
N PRO C 159 12.58 -22.68 1.82
CA PRO C 159 12.81 -22.25 3.20
C PRO C 159 11.71 -21.41 3.82
N ALA C 160 10.55 -21.26 3.18
CA ALA C 160 9.50 -20.39 3.69
C ALA C 160 8.56 -21.13 4.64
N ASP C 161 8.01 -20.38 5.60
CA ASP C 161 6.97 -20.93 6.47
C ASP C 161 5.62 -20.87 5.75
N GLU C 162 4.56 -21.32 6.43
CA GLU C 162 3.26 -21.45 5.77
C GLU C 162 2.75 -20.11 5.27
N ARG C 163 2.85 -19.07 6.10
CA ARG C 163 2.38 -17.74 5.67
C ARG C 163 3.23 -17.21 4.53
N ARG C 164 4.56 -17.33 4.64
CA ARG C 164 5.43 -16.82 3.57
C ARG C 164 5.25 -17.60 2.28
N ARG C 165 4.91 -18.89 2.38
CA ARG C 165 4.64 -19.68 1.17
C ARG C 165 3.47 -19.12 0.38
N ARG C 166 2.36 -18.84 1.07
CA ARG C 166 1.19 -18.26 0.40
C ARG C 166 1.53 -16.88 -0.18
N GLU C 167 2.28 -16.08 0.58
CA GLU C 167 2.74 -14.78 0.10
C GLU C 167 3.50 -14.90 -1.22
N ILE C 168 4.40 -15.88 -1.31
CA ILE C 168 5.25 -16.03 -2.47
C ILE C 168 4.42 -16.45 -3.68
N VAL C 169 3.53 -17.43 -3.49
CA VAL C 169 2.61 -17.83 -4.55
C VAL C 169 1.81 -16.62 -5.02
N GLU C 170 1.27 -15.85 -4.07
CA GLU C 170 0.48 -14.67 -4.41
C GLU C 170 1.30 -13.66 -5.20
N GLU C 171 2.55 -13.43 -4.79
CA GLU C 171 3.41 -12.48 -5.49
C GLU C 171 3.68 -12.93 -6.92
N GLY C 172 3.91 -14.24 -7.11
CA GLY C 172 4.12 -14.75 -8.45
C GLY C 172 2.86 -14.63 -9.30
N ALA C 173 1.70 -14.90 -8.71
CA ALA C 173 0.44 -14.74 -9.43
C ALA C 173 0.23 -13.29 -9.87
N ALA C 174 0.63 -12.35 -9.02
CA ALA C 174 0.42 -10.94 -9.31
C ALA C 174 1.22 -10.50 -10.54
N LEU C 175 2.45 -11.01 -10.68
CA LEU C 175 3.25 -10.73 -11.86
C LEU C 175 2.49 -11.06 -13.13
N PHE C 176 1.85 -12.23 -13.17
CA PHE C 176 1.12 -12.65 -14.35
C PHE C 176 -0.20 -11.90 -14.50
N ARG C 177 -0.91 -11.68 -13.40
CA ARG C 177 -2.18 -10.96 -13.50
C ARG C 177 -1.96 -9.51 -13.92
N GLU C 178 -0.91 -8.87 -13.42
CA GLU C 178 -0.64 -7.50 -13.85
C GLU C 178 -0.02 -7.42 -15.23
N SER C 179 0.32 -8.56 -15.84
CA SER C 179 0.75 -8.60 -17.24
C SER C 179 -0.38 -8.95 -18.19
N GLY C 180 -1.60 -9.10 -17.68
CA GLY C 180 -2.76 -9.37 -18.51
C GLY C 180 -3.16 -10.83 -18.60
N LEU C 181 -2.60 -11.69 -17.77
CA LEU C 181 -2.92 -13.11 -17.77
C LEU C 181 -3.73 -13.45 -16.53
N GLU C 182 -4.59 -14.45 -16.65
CA GLU C 182 -5.30 -14.93 -15.48
C GLU C 182 -4.42 -15.88 -14.70
N SER C 183 -4.41 -15.72 -13.38
CA SER C 183 -3.53 -16.51 -12.53
C SER C 183 -4.19 -16.66 -11.18
N THR C 184 -4.41 -17.90 -10.77
CA THR C 184 -4.97 -18.21 -9.46
C THR C 184 -3.94 -18.99 -8.65
N ALA C 185 -3.85 -18.64 -7.37
CA ALA C 185 -2.99 -19.37 -6.45
C ALA C 185 -3.61 -20.72 -6.12
N MET C 186 -2.80 -21.78 -6.20
CA MET C 186 -3.36 -23.10 -5.93
C MET C 186 -3.04 -23.55 -4.52
N PRO C 187 -4.03 -24.14 -3.85
CA PRO C 187 -3.77 -24.65 -2.50
C PRO C 187 -2.88 -25.87 -2.47
N ASP C 188 -3.10 -26.81 -3.39
CA ASP C 188 -2.42 -28.11 -3.39
C ASP C 188 -1.86 -28.34 -4.79
N LEU C 189 -0.53 -28.22 -4.91
CA LEU C 189 0.10 -28.37 -6.22
C LEU C 189 -0.07 -29.79 -6.76
N GLU C 190 0.07 -30.80 -5.89
CA GLU C 190 -0.04 -32.19 -6.35
C GLU C 190 -1.45 -32.49 -6.83
N GLN C 191 -2.46 -32.06 -6.09
CA GLN C 191 -3.84 -32.23 -6.55
C GLN C 191 -4.04 -31.63 -7.92
N ALA C 192 -3.50 -30.43 -8.12
CA ALA C 192 -3.71 -29.73 -9.39
C ALA C 192 -2.92 -30.37 -10.52
N ARG C 193 -1.77 -30.99 -10.22
CA ARG C 193 -1.04 -31.72 -11.25
C ARG C 193 -1.81 -32.97 -11.67
N TRP C 194 -2.42 -33.67 -10.71
CA TRP C 194 -3.28 -34.80 -11.04
C TRP C 194 -4.42 -34.37 -11.95
N GLN C 195 -5.06 -33.26 -11.61
CA GLN C 195 -6.19 -32.77 -12.41
C GLN C 195 -5.76 -32.42 -13.82
N LYS C 196 -4.61 -31.74 -13.95
CA LYS C 196 -4.11 -31.37 -15.27
C LYS C 196 -3.79 -32.61 -16.11
N LEU C 197 -3.39 -33.71 -15.46
CA LEU C 197 -3.10 -34.94 -16.17
C LEU C 197 -4.32 -35.49 -16.91
N VAL C 198 -5.53 -35.21 -16.39
CA VAL C 198 -6.73 -35.74 -17.01
C VAL C 198 -6.85 -35.28 -18.45
N TRP C 199 -6.34 -34.08 -18.76
CA TRP C 199 -6.33 -33.61 -20.13
C TRP C 199 -5.09 -34.05 -20.90
N ASN C 200 -3.91 -33.91 -20.30
CA ASN C 200 -2.67 -34.11 -21.05
C ASN C 200 -2.46 -35.58 -21.38
N ILE C 201 -2.84 -36.51 -20.49
CA ILE C 201 -2.59 -37.93 -20.73
C ILE C 201 -3.31 -38.43 -21.99
N PRO C 202 -4.63 -38.21 -22.17
CA PRO C 202 -5.26 -38.66 -23.41
C PRO C 202 -4.86 -37.84 -24.63
N TYR C 203 -4.88 -36.51 -24.51
CA TYR C 203 -4.76 -35.68 -25.71
C TYR C 203 -3.33 -35.62 -26.24
N ASN C 204 -2.33 -35.52 -25.36
CA ASN C 204 -0.95 -35.52 -25.84
C ASN C 204 -0.62 -36.82 -26.55
N GLY C 205 -0.84 -37.95 -25.88
CA GLY C 205 -0.45 -39.23 -26.46
C GLY C 205 -1.24 -39.60 -27.70
N LEU C 206 -2.58 -39.47 -27.63
CA LEU C 206 -3.40 -39.84 -28.78
C LEU C 206 -3.13 -38.95 -29.98
N SER C 207 -2.72 -37.69 -29.75
CA SER C 207 -2.32 -36.84 -30.86
C SER C 207 -1.15 -37.43 -31.63
N VAL C 208 -0.20 -38.05 -30.93
CA VAL C 208 0.91 -38.73 -31.60
C VAL C 208 0.46 -40.06 -32.17
N LEU C 209 -0.21 -40.87 -31.35
CA LEU C 209 -0.58 -42.22 -31.76
C LEU C 209 -1.44 -42.20 -33.02
N LEU C 210 -2.48 -41.37 -33.03
CA LEU C 210 -3.43 -41.31 -34.13
C LEU C 210 -3.10 -40.22 -35.13
N LYS C 211 -1.95 -39.55 -34.99
CA LYS C 211 -1.51 -38.48 -35.87
C LYS C 211 -2.62 -37.47 -36.13
N SER C 212 -3.16 -36.91 -35.04
CA SER C 212 -4.36 -36.12 -35.16
C SER C 212 -4.36 -34.97 -34.17
N SER C 213 -4.89 -33.83 -34.60
CA SER C 213 -5.08 -32.68 -33.74
C SER C 213 -6.35 -32.85 -32.92
N THR C 214 -6.69 -31.83 -32.13
CA THR C 214 -7.74 -31.97 -31.13
C THR C 214 -9.13 -32.00 -31.75
N ALA C 215 -9.34 -31.28 -32.87
CA ALA C 215 -10.69 -31.23 -33.45
C ALA C 215 -11.08 -32.54 -34.10
N PRO C 216 -10.23 -33.22 -34.90
CA PRO C 216 -10.63 -34.54 -35.41
C PRO C 216 -10.84 -35.56 -34.31
N LEU C 217 -10.05 -35.50 -33.23
CA LEU C 217 -10.21 -36.45 -32.14
C LEU C 217 -11.58 -36.31 -31.49
N MET C 218 -12.09 -35.08 -31.38
CA MET C 218 -13.40 -34.87 -30.80
C MET C 218 -14.53 -35.13 -31.79
N ALA C 219 -14.26 -34.96 -33.08
CA ALA C 219 -15.31 -35.14 -34.09
C ALA C 219 -15.61 -36.60 -34.39
N ASN C 220 -14.73 -37.53 -34.01
CA ASN C 220 -14.94 -38.95 -34.24
C ASN C 220 -15.47 -39.59 -32.97
N ALA C 221 -16.57 -40.34 -33.09
CA ALA C 221 -17.22 -40.91 -31.92
C ALA C 221 -16.32 -41.89 -31.20
N ASP C 222 -15.55 -42.68 -31.96
CA ASP C 222 -14.73 -43.72 -31.34
C ASP C 222 -13.55 -43.14 -30.59
N SER C 223 -12.89 -42.12 -31.15
CA SER C 223 -11.81 -41.47 -30.41
C SER C 223 -12.35 -40.67 -29.24
N ARG C 224 -13.54 -40.08 -29.38
CA ARG C 224 -14.14 -39.35 -28.26
C ARG C 224 -14.46 -40.30 -27.10
N SER C 225 -14.98 -41.49 -27.41
CA SER C 225 -15.23 -42.48 -26.37
C SER C 225 -13.93 -42.93 -25.73
N LEU C 226 -12.87 -43.09 -26.53
CA LEU C 226 -11.59 -43.52 -25.99
C LEU C 226 -11.00 -42.46 -25.06
N ILE C 227 -11.09 -41.19 -25.46
CA ILE C 227 -10.61 -40.10 -24.60
C ILE C 227 -11.29 -40.17 -23.24
N GLU C 228 -12.63 -40.28 -23.24
CA GLU C 228 -13.38 -40.30 -21.99
C GLU C 228 -12.96 -41.46 -21.11
N ALA C 229 -12.79 -42.65 -21.70
CA ALA C 229 -12.39 -43.81 -20.91
C ALA C 229 -11.00 -43.60 -20.31
N ILE C 230 -10.09 -43.00 -21.08
CA ILE C 230 -8.77 -42.68 -20.53
C ILE C 230 -8.89 -41.65 -19.43
N MET C 231 -9.76 -40.65 -19.61
CA MET C 231 -10.00 -39.66 -18.58
C MET C 231 -10.45 -40.31 -17.28
N GLU C 232 -11.39 -41.25 -17.36
CA GLU C 232 -11.86 -41.91 -16.15
C GLU C 232 -10.76 -42.72 -15.48
N GLU C 233 -9.83 -43.29 -16.28
CA GLU C 233 -8.69 -43.97 -15.70
C GLU C 233 -7.84 -43.01 -14.86
N VAL C 234 -7.57 -41.81 -15.39
CA VAL C 234 -6.76 -40.85 -14.67
C VAL C 234 -7.50 -40.34 -13.45
N ILE C 235 -8.79 -40.07 -13.58
CA ILE C 235 -9.60 -39.65 -12.44
C ILE C 235 -9.61 -40.72 -11.36
N GLY C 236 -9.77 -41.99 -11.77
CA GLY C 236 -9.73 -43.08 -10.81
C GLY C 236 -8.37 -43.24 -10.16
N ALA C 237 -7.30 -43.10 -10.94
CA ALA C 237 -5.96 -43.14 -10.36
C ALA C 237 -5.76 -42.01 -9.37
N ALA C 238 -6.22 -40.80 -9.70
CA ALA C 238 -6.14 -39.68 -8.77
C ALA C 238 -6.87 -40.00 -7.46
N GLY C 239 -8.07 -40.58 -7.57
CA GLY C 239 -8.81 -40.96 -6.37
C GLY C 239 -8.06 -41.97 -5.52
N ALA C 240 -7.50 -43.00 -6.16
CA ALA C 240 -6.77 -44.03 -5.44
C ALA C 240 -5.57 -43.46 -4.69
N CYS C 241 -4.99 -42.39 -5.20
CA CYS C 241 -3.87 -41.72 -4.56
C CYS C 241 -4.30 -40.64 -3.58
N GLY C 242 -5.59 -40.58 -3.24
CA GLY C 242 -6.09 -39.69 -2.22
C GLY C 242 -6.54 -38.33 -2.71
N PHE C 243 -6.69 -38.13 -4.01
CA PHE C 243 -7.11 -36.86 -4.59
C PHE C 243 -8.44 -37.07 -5.30
N ILE C 244 -9.53 -36.65 -4.68
CA ILE C 244 -10.85 -36.74 -5.30
C ILE C 244 -11.04 -35.52 -6.19
N LEU C 245 -11.15 -35.74 -7.49
CA LEU C 245 -11.39 -34.68 -8.46
C LEU C 245 -12.89 -34.37 -8.53
N PRO C 246 -13.26 -33.21 -9.09
CA PRO C 246 -14.67 -32.83 -9.09
C PRO C 246 -15.56 -33.87 -9.75
N GLU C 247 -16.82 -33.87 -9.35
CA GLU C 247 -17.80 -34.75 -9.98
C GLU C 247 -18.05 -34.31 -11.41
N GLY C 248 -18.23 -35.27 -12.30
CA GLY C 248 -18.48 -34.96 -13.70
C GLY C 248 -17.36 -34.21 -14.39
N TYR C 249 -16.13 -34.37 -13.90
CA TYR C 249 -15.02 -33.59 -14.43
C TYR C 249 -14.73 -33.92 -15.89
N ALA C 250 -14.88 -35.19 -16.26
CA ALA C 250 -14.61 -35.60 -17.64
C ALA C 250 -15.54 -34.88 -18.62
N ASP C 251 -16.86 -34.93 -18.34
CA ASP C 251 -17.81 -34.15 -19.12
C ASP C 251 -17.38 -32.70 -19.24
N GLN C 252 -16.94 -32.11 -18.12
CA GLN C 252 -16.46 -30.74 -18.13
C GLN C 252 -15.28 -30.57 -19.08
N LEU C 253 -14.25 -31.40 -18.91
CA LEU C 253 -13.06 -31.32 -19.77
C LEU C 253 -13.43 -31.51 -21.23
N LEU C 254 -14.32 -32.46 -21.53
CA LEU C 254 -14.71 -32.73 -22.91
C LEU C 254 -15.44 -31.54 -23.50
N ALA C 255 -16.35 -30.93 -22.74
CA ALA C 255 -17.10 -29.78 -23.23
C ALA C 255 -16.18 -28.60 -23.52
N ALA C 256 -15.17 -28.39 -22.68
CA ALA C 256 -14.24 -27.29 -22.90
C ALA C 256 -13.35 -27.55 -24.12
N THR C 257 -12.92 -28.79 -24.30
CA THR C 257 -12.12 -29.14 -25.48
C THR C 257 -12.94 -29.03 -26.75
N GLU C 258 -14.26 -29.21 -26.67
CA GLU C 258 -15.12 -28.98 -27.81
C GLU C 258 -15.02 -27.52 -28.27
N ARG C 259 -14.94 -26.58 -27.32
CA ARG C 259 -14.81 -25.17 -27.68
C ARG C 259 -13.41 -24.85 -28.18
N MET C 260 -12.42 -25.65 -27.79
CA MET C 260 -11.03 -25.36 -28.15
C MET C 260 -10.88 -25.25 -29.66
N PRO C 261 -10.06 -24.31 -30.15
CA PRO C 261 -9.66 -24.36 -31.55
C PRO C 261 -8.84 -25.61 -31.82
N ASP C 262 -8.71 -25.95 -33.11
CA ASP C 262 -7.95 -27.14 -33.48
C ASP C 262 -6.50 -26.99 -33.08
N TYR C 263 -6.03 -27.87 -32.22
CA TYR C 263 -4.79 -27.70 -31.49
C TYR C 263 -3.95 -28.97 -31.54
N ARG C 264 -2.67 -28.80 -31.88
CA ARG C 264 -1.70 -29.89 -31.78
C ARG C 264 -1.03 -29.82 -30.41
N PRO C 265 -1.15 -30.85 -29.57
CA PRO C 265 -0.50 -30.82 -28.27
C PRO C 265 1.02 -30.75 -28.41
N SER C 266 1.67 -30.32 -27.34
CA SER C 266 3.12 -30.16 -27.35
C SER C 266 3.82 -31.45 -27.75
N MET C 267 3.31 -32.59 -27.29
CA MET C 267 3.93 -33.87 -27.61
C MET C 267 3.83 -34.18 -29.10
N TYR C 268 2.79 -33.68 -29.78
CA TYR C 268 2.70 -33.85 -31.23
C TYR C 268 3.89 -33.19 -31.92
N HIS C 269 4.22 -31.96 -31.52
CA HIS C 269 5.35 -31.27 -32.15
C HIS C 269 6.67 -31.96 -31.82
N ASP C 270 6.81 -32.45 -30.59
CA ASP C 270 8.03 -33.18 -30.22
C ASP C 270 8.26 -34.37 -31.13
N PHE C 271 7.22 -35.17 -31.38
CA PHE C 271 7.38 -36.32 -32.25
C PHE C 271 7.71 -35.90 -33.67
N ALA C 272 7.04 -34.85 -34.17
CA ALA C 272 7.26 -34.42 -35.54
C ALA C 272 8.68 -33.91 -35.76
N HIS C 273 9.28 -33.31 -34.74
CA HIS C 273 10.63 -32.78 -34.83
C HIS C 273 11.68 -33.74 -34.28
N GLY C 274 11.30 -34.98 -33.97
CA GLY C 274 12.26 -35.95 -33.48
C GLY C 274 12.81 -35.66 -32.10
N ARG C 275 12.11 -34.91 -31.30
CA ARG C 275 12.58 -34.62 -29.95
C ARG C 275 12.01 -35.64 -28.97
N PRO C 276 12.72 -35.91 -27.88
CA PRO C 276 12.21 -36.87 -26.90
C PRO C 276 10.87 -36.43 -26.35
N LEU C 277 9.96 -37.38 -26.19
CA LEU C 277 8.65 -37.08 -25.65
C LEU C 277 8.72 -37.06 -24.12
N GLU C 278 7.80 -36.30 -23.52
CA GLU C 278 7.74 -36.20 -22.06
C GLU C 278 7.03 -37.40 -21.45
N LEU C 279 7.47 -38.61 -21.82
CA LEU C 279 6.78 -39.81 -21.36
C LEU C 279 6.97 -40.01 -19.85
N ALA C 280 8.16 -39.72 -19.34
CA ALA C 280 8.45 -40.00 -17.94
C ALA C 280 7.55 -39.18 -17.01
N ALA C 281 7.38 -37.89 -17.31
CA ALA C 281 6.61 -37.03 -16.42
C ALA C 281 5.11 -37.22 -16.60
N ILE C 282 4.66 -37.40 -17.84
CA ILE C 282 3.23 -37.41 -18.12
C ILE C 282 2.62 -38.80 -18.00
N TYR C 283 3.38 -39.86 -18.25
CA TYR C 283 2.84 -41.21 -18.22
C TYR C 283 3.48 -42.08 -17.15
N ALA C 284 4.80 -42.25 -17.16
CA ALA C 284 5.45 -43.18 -16.24
C ALA C 284 5.15 -42.84 -14.79
N ALA C 285 5.26 -41.55 -14.44
CA ALA C 285 5.08 -41.15 -13.04
C ALA C 285 3.67 -41.42 -12.53
N PRO C 286 2.58 -41.02 -13.20
CA PRO C 286 1.26 -41.42 -12.69
C PRO C 286 1.05 -42.92 -12.69
N LEU C 287 1.59 -43.64 -13.68
CA LEU C 287 1.44 -45.10 -13.70
C LEU C 287 2.11 -45.74 -12.51
N ALA C 288 3.31 -45.26 -12.14
CA ALA C 288 3.99 -45.80 -10.97
C ALA C 288 3.24 -45.49 -9.69
N ARG C 289 2.74 -44.27 -9.55
CA ARG C 289 1.99 -43.90 -8.35
C ARG C 289 0.70 -44.70 -8.24
N ALA C 290 -0.05 -44.79 -9.35
CA ALA C 290 -1.31 -45.52 -9.32
C ALA C 290 -1.08 -46.99 -9.02
N ALA C 291 -0.01 -47.58 -9.57
CA ALA C 291 0.29 -48.98 -9.29
C ALA C 291 0.60 -49.19 -7.81
N ALA C 292 1.37 -48.27 -7.22
CA ALA C 292 1.71 -48.41 -5.80
C ALA C 292 0.47 -48.35 -4.91
N ALA C 293 -0.57 -47.66 -5.36
CA ALA C 293 -1.86 -47.67 -4.68
C ALA C 293 -2.74 -48.83 -5.12
N GLY C 294 -2.18 -49.80 -5.84
CA GLY C 294 -2.95 -50.94 -6.29
C GLY C 294 -4.04 -50.59 -7.29
N TYR C 295 -3.85 -49.55 -8.09
CA TYR C 295 -4.83 -49.12 -9.07
C TYR C 295 -4.22 -49.20 -10.46
N ARG C 296 -4.87 -49.95 -11.34
CA ARG C 296 -4.38 -50.19 -12.69
C ARG C 296 -5.02 -49.21 -13.67
N MET C 297 -4.22 -48.76 -14.64
CA MET C 297 -4.67 -47.86 -15.70
C MET C 297 -4.35 -48.53 -17.03
N PRO C 298 -5.13 -49.53 -17.43
CA PRO C 298 -4.75 -50.32 -18.62
C PRO C 298 -4.62 -49.50 -19.90
N ARG C 299 -5.61 -48.67 -20.24
CA ARG C 299 -5.51 -47.87 -21.45
C ARG C 299 -4.35 -46.88 -21.38
N VAL C 300 -4.10 -46.32 -20.20
CA VAL C 300 -2.96 -45.40 -20.07
C VAL C 300 -1.65 -46.16 -20.19
N GLU C 301 -1.57 -47.35 -19.58
CA GLU C 301 -0.36 -48.15 -19.66
C GLU C 301 -0.08 -48.59 -21.08
N ALA C 302 -1.12 -49.05 -21.79
CA ALA C 302 -0.95 -49.44 -23.19
C ALA C 302 -0.56 -48.26 -24.07
N LEU C 303 -1.15 -47.09 -23.80
CA LEU C 303 -0.81 -45.91 -24.58
C LEU C 303 0.64 -45.51 -24.37
N HIS C 304 1.14 -45.61 -23.14
CA HIS C 304 2.54 -45.33 -22.87
C HIS C 304 3.45 -46.29 -23.62
N GLN C 305 3.10 -47.57 -23.66
CA GLN C 305 3.90 -48.55 -24.38
C GLN C 305 3.94 -48.25 -25.87
N ALA C 306 2.79 -47.87 -26.45
CA ALA C 306 2.76 -47.49 -27.86
C ALA C 306 3.67 -46.30 -28.12
N LEU C 307 3.67 -45.31 -27.23
CA LEU C 307 4.51 -44.14 -27.42
C LEU C 307 5.99 -44.48 -27.33
N ARG C 308 6.35 -45.34 -26.37
CA ARG C 308 7.73 -45.78 -26.27
C ARG C 308 8.15 -46.53 -27.55
N PHE C 309 7.28 -47.39 -28.07
CA PHE C 309 7.59 -48.08 -29.32
C PHE C 309 7.78 -47.09 -30.46
N LEU C 310 6.87 -46.11 -30.57
CA LEU C 310 6.95 -45.15 -31.67
C LEU C 310 8.22 -44.31 -31.58
N GLU C 311 8.65 -43.98 -30.35
CA GLU C 311 9.87 -43.21 -30.17
C GLU C 311 11.08 -43.96 -30.72
N ALA C 312 11.12 -45.27 -30.53
CA ALA C 312 12.29 -46.08 -30.87
C ALA C 312 12.32 -46.49 -32.34
N GLN C 313 11.22 -46.32 -33.07
CA GLN C 313 11.19 -46.71 -34.47
C GLN C 313 11.88 -45.65 -35.34
N PRO C 314 12.39 -46.05 -36.52
CA PRO C 314 13.04 -45.09 -37.43
C PRO C 314 12.04 -44.31 -38.27
PA NDP D . -6.59 27.55 -13.44
O1A NDP D . -6.91 28.97 -13.83
O2A NDP D . -5.15 27.30 -13.59
O5B NDP D . -7.46 26.50 -14.41
C5B NDP D . -8.84 26.68 -14.52
C4B NDP D . -9.23 26.20 -15.91
O4B NDP D . -10.52 26.16 -16.04
C3B NDP D . -8.73 27.26 -16.95
O3B NDP D . -7.90 26.67 -17.87
C2B NDP D . -9.99 27.76 -17.59
O2B NDP D . -9.73 28.13 -19.02
C1B NDP D . -10.82 26.72 -17.50
N9A NDP D . -12.18 27.19 -17.60
C8A NDP D . -13.05 27.93 -16.89
N7A NDP D . -14.19 27.99 -17.57
C5A NDP D . -14.04 27.28 -18.70
C6A NDP D . -14.91 27.01 -19.74
N6A NDP D . -16.29 27.38 -20.04
N1A NDP D . -14.52 26.26 -20.77
C2A NDP D . -13.26 25.76 -20.79
N3A NDP D . -12.41 26.02 -19.76
C4A NDP D . -12.80 26.78 -18.72
O3 NDP D . -7.05 27.28 -11.88
PN NDP D . -6.59 25.94 -11.00
O1N NDP D . -6.45 24.75 -11.88
O2N NDP D . -5.32 26.21 -10.31
O5D NDP D . -7.75 25.67 -9.86
C5D NDP D . -9.05 25.12 -10.20
C4D NDP D . -9.71 24.75 -8.79
O4D NDP D . -8.90 24.00 -8.12
C3D NDP D . -9.88 26.03 -7.96
O3D NDP D . -11.09 25.96 -7.24
C2D NDP D . -8.69 26.04 -7.01
O2D NDP D . -9.01 26.81 -5.73
C1D NDP D . -8.48 24.76 -6.78
N1N NDP D . -7.05 24.50 -6.45
C2N NDP D . -6.74 23.76 -5.28
C3N NDP D . -5.35 23.56 -4.79
C7N NDP D . -5.14 23.37 -3.30
O7N NDP D . -5.99 23.75 -2.51
N7N NDP D . -3.95 22.78 -2.82
C4N NDP D . -4.11 23.97 -5.66
C5N NDP D . -4.50 24.63 -7.02
C6N NDP D . -6.00 24.97 -7.32
P2B NDP D . -8.89 29.53 -19.33
O1X NDP D . -9.36 30.62 -18.43
O2X NDP D . -9.15 29.93 -20.77
O3X NDP D . -7.44 29.31 -19.12
C FMT E . -4.40 26.70 -3.40
O1 FMT E . -3.48 26.89 -4.19
O2 FMT E . -5.59 26.87 -3.66
C FMT F . -2.49 22.69 -0.02
O1 FMT F . -1.72 23.28 -0.77
O2 FMT F . -2.32 21.54 0.37
C1 GOL G . -7.42 39.10 7.93
O1 GOL G . -7.40 37.95 8.75
C2 GOL G . -6.90 40.27 8.73
O2 GOL G . -7.94 40.80 9.51
C3 GOL G . -6.19 41.32 7.94
O3 GOL G . -5.12 40.73 7.23
C1 GOL H . 7.24 22.76 -10.69
O1 GOL H . 7.46 24.14 -10.57
C2 GOL H . 8.61 22.07 -10.58
O2 GOL H . 8.48 20.69 -10.49
C3 GOL H . 9.40 22.50 -11.84
O3 GOL H . 10.75 22.26 -11.57
C1 GOL I . 9.93 24.08 39.55
O1 GOL I . 10.28 25.11 40.44
C2 GOL I . 10.85 22.89 39.86
O2 GOL I . 10.13 21.69 39.85
C3 GOL I . 11.91 22.89 38.75
O3 GOL I . 11.44 22.00 37.78
PA NDP J . 7.22 10.21 17.18
O1A NDP J . 6.91 11.67 17.02
O2A NDP J . 8.60 9.93 16.75
O5B NDP J . 6.16 9.29 16.27
C5B NDP J . 4.78 9.32 16.54
C4B NDP J . 4.08 8.93 15.24
O4B NDP J . 2.80 8.78 15.43
C3B NDP J . 4.24 10.11 14.23
O3B NDP J . 4.86 9.69 13.07
C2B NDP J . 2.83 10.54 13.94
O2B NDP J . 2.69 11.00 12.53
C1B NDP J . 2.12 9.42 14.14
N9A NDP J . 0.74 9.78 14.38
C8A NDP J . -0.02 10.42 15.28
N7A NDP J . -1.29 10.39 14.86
C5A NDP J . -1.32 9.72 13.69
C6A NDP J . -2.36 9.39 12.86
N6A NDP J . -3.79 9.63 12.86
N1A NDP J . -2.12 8.70 11.74
C2A NDP J . -0.87 8.32 11.43
N3A NDP J . 0.16 8.63 12.27
C4A NDP J . -0.07 9.33 13.39
O3 NDP J . 7.04 9.80 18.77
PN NDP J . 7.81 8.49 19.46
O1N NDP J . 9.19 8.87 19.86
O2N NDP J . 7.85 7.36 18.52
O5D NDP J . 6.95 8.09 20.81
C5D NDP J . 5.67 7.40 20.70
C4D NDP J . 5.32 6.94 22.19
O4D NDP J . 6.28 6.20 22.64
C3D NDP J . 5.25 8.16 23.11
O3D NDP J . 4.21 8.01 24.05
C2D NDP J . 6.59 8.20 23.82
O2D NDP J . 6.47 8.83 25.21
C1D NDP J . 6.94 6.95 23.89
N1N NDP J . 8.42 6.82 23.80
C2N NDP J . 9.09 5.94 24.70
C3N NDP J . 10.57 5.87 24.80
C7N NDP J . 11.14 5.62 26.18
O7N NDP J . 10.41 5.74 27.16
N7N NDP J . 12.49 5.25 26.35
C4N NDP J . 11.49 6.63 23.78
C5N NDP J . 10.71 7.48 22.73
C6N NDP J . 9.15 7.59 22.82
P2B NDP J . 3.27 12.53 12.15
O1X NDP J . 4.74 12.46 11.93
O2X NDP J . 2.97 13.50 13.28
O3X NDP J . 2.61 12.99 10.91
C FMT K . 14.32 4.02 28.79
O1 FMT K . 14.45 5.12 28.25
O2 FMT K . 14.61 3.80 29.96
C FMT L . 11.28 9.39 26.58
O1 FMT L . 12.13 9.39 25.69
O2 FMT L . 10.07 9.47 26.37
PA NDP M . 9.40 -26.09 -26.47
O1A NDP M . 10.20 -27.16 -27.15
O2A NDP M . 8.69 -25.29 -27.47
O5B NDP M . 10.40 -25.13 -25.55
C5B NDP M . 11.36 -25.74 -24.73
C4B NDP M . 12.57 -24.81 -24.63
O4B NDP M . 13.36 -25.20 -23.68
C3B NDP M . 13.40 -24.92 -25.95
O3B NDP M . 13.60 -23.66 -26.47
C2B NDP M . 14.70 -25.54 -25.52
O2B NDP M . 15.86 -25.08 -26.36
C1B NDP M . 14.83 -25.08 -24.27
N9A NDP M . 15.75 -25.92 -23.54
C8A NDP M . 15.83 -27.17 -23.08
N7A NDP M . 17.02 -27.32 -22.47
C5A NDP M . 17.67 -26.14 -22.56
C6A NDP M . 18.91 -25.76 -22.09
N6A NDP M . 19.99 -26.40 -21.37
N1A NDP M . 19.35 -24.51 -22.31
C2A NDP M . 18.56 -23.63 -22.98
N3A NDP M . 17.33 -24.02 -23.43
C4A NDP M . 16.89 -25.27 -23.21
O3 NDP M . 8.32 -26.81 -25.46
PN NDP M . 7.02 -25.99 -24.81
O1N NDP M . 5.86 -26.11 -25.74
O2N NDP M . 7.37 -24.58 -24.59
O5D NDP M . 6.65 -26.71 -23.38
C5D NDP M . 7.50 -26.57 -22.21
C4D NDP M . 6.67 -27.19 -20.99
O4D NDP M . 5.48 -26.68 -20.97
C3D NDP M . 6.46 -28.70 -21.23
O3D NDP M . 6.44 -29.37 -20.00
C2D NDP M . 5.09 -28.79 -21.87
O2D NDP M . 4.47 -30.16 -21.64
C1D NDP M . 4.42 -27.84 -21.28
N1N NDP M . 3.33 -27.33 -22.15
C2N NDP M . 2.00 -27.32 -21.65
C3N NDP M . 0.85 -26.73 -22.41
C7N NDP M . -0.54 -27.14 -22.00
O7N NDP M . -0.72 -28.02 -21.20
N7N NDP M . -1.67 -26.46 -22.57
C4N NDP M . 1.06 -26.08 -23.82
C5N NDP M . 2.55 -26.09 -24.31
C6N NDP M . 3.62 -26.87 -23.49
P2B NDP M . 15.95 -25.53 -27.97
O1X NDP M . 15.50 -26.93 -28.14
O2X NDP M . 15.08 -24.60 -28.81
O3X NDP M . 17.36 -25.42 -28.43
C FMT N . -0.03 -29.63 -24.22
O1 FMT N . 0.01 -29.09 -25.33
O2 FMT N . 0.94 -30.18 -23.68
C FMT O . -4.89 -26.84 -21.68
O1 FMT O . -6.07 -26.87 -21.36
O2 FMT O . -4.46 -27.14 -22.78
C FMT P . -6.82 -18.63 -19.76
O1 FMT P . -6.97 -17.44 -19.47
O2 FMT P . -6.72 -19.53 -18.93
#